data_7D9Q
#
_entry.id   7D9Q
#
_cell.length_a   104.649
_cell.length_b   104.649
_cell.length_c   324.403
_cell.angle_alpha   90.000
_cell.angle_beta   90.000
_cell.angle_gamma   120.000
#
_symmetry.space_group_name_H-M   'P 31 2 1'
#
loop_
_entity.id
_entity.type
_entity.pdbx_description
1 polymer Acetylcholinesterase
2 branched 2-acetamido-2-deoxy-beta-D-glucopyranose-(1-4)-[alpha-L-fucopyranose-(1-6)]2-acetamido-2-deoxy-beta-D-glucopyranose
3 non-polymer (2S)-2-[[4-fluoranyl-1-[(3-fluorophenyl)methyl]piperidin-4-yl]methyl]-5,6-dimethoxy-2,3-dihydroinden-1-one
4 water water
#
_entity_poly.entity_id   1
_entity_poly.type   'polypeptide(L)'
_entity_poly.pdbx_seq_one_letter_code
;GSHHHHHHHHEGREDAELLVTVRGGRLRGIRLKTPGGPVSAFLGIPFAEPPMGPRRFLPPEPKQPWSGVVDATTFQSVCY
QYVDTLYPGFEGTEMWNPNRELSEDCLYLNVWTPYPRPTSPTPVLVWIYGGGFYSGASSLDVYDGRFLVQAERTVLVSMN
YRVGAFGFLALPGSREAPGNVGLLDQRLALQWVQENVAAFGGDPTSVTLFGESAGAASVGMHLLSPPSRGLFHRAVLQSG
APNGPWATVGMGEARRRATQLAHLVGCPPGGTGGNDTELVACLRTRPAQVLVNHEWHVLPQESVFRFSFVPVVDGDFLSD
TPEALINAGDFHGLQVLVGVVKDEGSYFLVYGAPGFSKDNESLISRAEFLAGVRVGVPQVSDLAAEAVVLHYTDWLHPED
PARLREALSDVVGDHNVVCPVAQLAGRLAAQGARVYAYVFEHRASTLSWPLWMGVPHGYEIEFIFGIPLDPSRNYTAEEK
IFAQRLMRYWANFARTGDPNEPRDPKAPQWPPYTAGAQQYVSLDLRPLEVRRGLRAQACAFWNRFLPKLLSAT
;
_entity_poly.pdbx_strand_id   A,B
#
loop_
_chem_comp.id
_chem_comp.type
_chem_comp.name
_chem_comp.formula
FUC L-saccharide, alpha linking alpha-L-fucopyranose 'C6 H12 O5'
H1R non-polymer (2S)-2-[[4-fluoranyl-1-[(3-fluorophenyl)methyl]piperidin-4-yl]methyl]-5,6-dimethoxy-2,3-dihydroinden-1-one 'C24 H27 F2 N O3'
NAG D-saccharide, beta linking 2-acetamido-2-deoxy-beta-D-glucopyranose 'C8 H15 N O6'
#
# COMPACT_ATOMS: atom_id res chain seq x y z
N GLU A 14 27.86 17.47 39.80
CA GLU A 14 27.85 16.49 38.72
C GLU A 14 28.44 15.16 39.19
N ASP A 15 28.07 14.07 38.51
CA ASP A 15 28.48 12.71 38.89
C ASP A 15 29.58 12.24 37.96
N ALA A 16 30.79 12.08 38.52
CA ALA A 16 31.93 11.62 37.73
C ALA A 16 31.73 10.21 37.20
N GLU A 17 30.82 9.44 37.81
CA GLU A 17 30.59 8.10 37.31
C GLU A 17 29.86 8.09 35.96
N LEU A 18 29.15 9.16 35.60
CA LEU A 18 28.33 9.23 34.40
C LEU A 18 28.98 10.02 33.28
N LEU A 19 30.23 10.43 33.48
CA LEU A 19 31.07 11.06 32.47
C LEU A 19 32.06 10.02 31.98
N VAL A 20 32.09 9.79 30.67
CA VAL A 20 32.96 8.79 30.05
C VAL A 20 33.53 9.39 28.77
N THR A 21 34.84 9.18 28.57
CA THR A 21 35.48 9.59 27.33
C THR A 21 35.83 8.35 26.54
N VAL A 22 35.35 8.30 25.31
CA VAL A 22 35.63 7.19 24.39
C VAL A 22 36.46 7.81 23.29
N ARG A 23 36.91 6.99 22.32
CA ARG A 23 37.84 7.51 21.32
C ARG A 23 37.26 8.73 20.61
N GLY A 24 35.95 8.79 20.44
CA GLY A 24 35.40 9.86 19.63
C GLY A 24 35.19 11.16 20.36
N GLY A 25 35.23 11.13 21.69
CA GLY A 25 34.88 12.30 22.48
C GLY A 25 34.27 11.89 23.80
N ARG A 26 33.53 12.83 24.39
CA ARG A 26 33.07 12.69 25.76
C ARG A 26 31.57 12.42 25.77
N LEU A 27 31.14 11.64 26.78
CA LEU A 27 29.75 11.22 26.93
C LEU A 27 29.25 11.53 28.33
N ARG A 28 27.98 11.91 28.45
CA ARG A 28 27.33 12.03 29.74
C ARG A 28 26.18 11.02 29.84
N GLY A 29 26.27 10.12 30.80
CA GLY A 29 25.26 9.11 31.00
C GLY A 29 24.21 9.51 32.01
N ILE A 30 23.51 8.52 32.52
CA ILE A 30 22.38 8.72 33.43
C ILE A 30 22.31 7.52 34.36
N ARG A 31 21.87 7.78 35.59
CA ARG A 31 21.77 6.74 36.61
C ARG A 31 20.35 6.20 36.58
N LEU A 32 20.22 4.88 36.67
CA LEU A 32 18.92 4.24 36.52
C LEU A 32 18.60 3.41 37.75
N LYS A 33 17.34 3.46 38.18
CA LYS A 33 16.91 2.69 39.34
C LYS A 33 16.42 1.31 38.91
N THR A 34 16.80 0.28 39.67
CA THR A 34 16.19 -1.03 39.63
C THR A 34 15.85 -1.38 41.06
N PRO A 35 14.99 -2.37 41.28
CA PRO A 35 14.68 -2.77 42.67
C PRO A 35 15.91 -3.11 43.49
N GLY A 36 17.00 -3.48 42.84
CA GLY A 36 18.18 -3.92 43.54
C GLY A 36 19.29 -2.90 43.67
N GLY A 37 19.10 -1.68 43.19
CA GLY A 37 20.15 -0.70 43.25
C GLY A 37 20.34 -0.01 41.92
N PRO A 38 21.12 1.07 41.92
CA PRO A 38 21.34 1.80 40.67
C PRO A 38 22.21 1.06 39.68
N VAL A 39 22.34 1.71 38.52
CA VAL A 39 22.93 1.19 37.30
C VAL A 39 23.24 2.40 36.44
N SER A 40 24.42 2.40 35.82
CA SER A 40 24.83 3.48 34.93
C SER A 40 24.38 3.11 33.53
N ALA A 41 23.77 4.04 32.81
CA ALA A 41 23.41 3.78 31.42
C ALA A 41 23.91 4.92 30.52
N PHE A 42 24.51 4.54 29.40
CA PHE A 42 24.95 5.48 28.36
C PHE A 42 24.18 5.10 27.10
N LEU A 43 23.15 5.88 26.77
CA LEU A 43 22.20 5.54 25.72
C LEU A 43 22.36 6.51 24.56
N GLY A 44 22.31 5.98 23.35
CA GLY A 44 22.39 6.83 22.17
C GLY A 44 23.77 7.29 21.82
N ILE A 45 24.79 6.47 22.06
CA ILE A 45 26.16 6.78 21.64
C ILE A 45 26.26 6.60 20.14
N PRO A 46 26.64 7.63 19.38
CA PRO A 46 26.81 7.44 17.94
C PRO A 46 28.07 6.62 17.65
N PHE A 47 27.93 5.64 16.75
CA PHE A 47 29.06 4.82 16.35
C PHE A 47 29.25 4.76 14.85
N ALA A 48 28.42 5.46 14.07
CA ALA A 48 28.64 5.56 12.63
C ALA A 48 28.22 6.95 12.18
N GLU A 49 28.75 7.35 11.04
CA GLU A 49 28.21 8.50 10.37
C GLU A 49 26.78 8.19 9.93
N PRO A 50 25.84 9.12 10.11
CA PRO A 50 24.45 8.84 9.72
C PRO A 50 24.37 8.36 8.28
N PRO A 51 23.76 7.18 8.04
CA PRO A 51 23.74 6.59 6.68
C PRO A 51 22.65 7.19 5.81
N MET A 52 22.80 8.48 5.51
CA MET A 52 21.76 9.28 4.90
C MET A 52 22.19 9.85 3.56
N GLY A 53 21.20 10.37 2.84
CA GLY A 53 21.43 10.95 1.53
C GLY A 53 22.16 10.00 0.63
N PRO A 54 23.36 10.40 0.20
CA PRO A 54 24.15 9.54 -0.68
C PRO A 54 24.72 8.32 0.03
N ARG A 55 24.75 8.32 1.36
CA ARG A 55 25.22 7.15 2.08
C ARG A 55 24.15 6.08 2.29
N ARG A 56 22.91 6.30 1.84
CA ARG A 56 21.91 5.25 1.92
C ARG A 56 22.35 4.05 1.08
N PHE A 57 22.09 2.86 1.62
CA PHE A 57 22.51 1.57 1.04
C PHE A 57 24.02 1.35 1.09
N LEU A 58 24.81 2.25 1.68
CA LEU A 58 26.24 2.03 1.70
C LEU A 58 26.70 1.50 3.06
N PRO A 59 27.84 0.81 3.09
CA PRO A 59 28.38 0.34 4.36
C PRO A 59 28.62 1.50 5.32
N PRO A 60 28.54 1.23 6.62
CA PRO A 60 28.65 2.34 7.59
C PRO A 60 30.07 2.88 7.65
N GLU A 61 30.18 4.20 7.73
CA GLU A 61 31.46 4.84 8.04
C GLU A 61 31.61 5.03 9.54
N PRO A 62 32.82 4.87 10.07
CA PRO A 62 33.04 5.15 11.48
C PRO A 62 32.74 6.61 11.83
N LYS A 63 32.21 6.82 13.02
CA LYS A 63 31.79 8.14 13.47
C LYS A 63 33.00 9.05 13.64
N GLN A 64 32.99 10.17 12.93
N GLN A 64 33.00 10.17 12.93
CA GLN A 64 34.05 11.16 13.09
CA GLN A 64 34.07 11.13 13.10
C GLN A 64 33.99 11.76 14.49
C GLN A 64 34.00 11.76 14.50
N PRO A 65 35.14 12.07 15.09
CA PRO A 65 35.15 12.60 16.47
C PRO A 65 34.40 13.93 16.61
N TRP A 66 33.95 14.19 17.83
CA TRP A 66 33.10 15.33 18.13
C TRP A 66 33.70 16.11 19.29
N SER A 67 33.43 17.40 19.33
CA SER A 67 33.83 18.21 20.46
C SER A 67 32.65 18.46 21.39
N GLY A 68 32.96 18.72 22.64
CA GLY A 68 31.91 18.80 23.61
C GLY A 68 31.45 17.41 24.04
N VAL A 69 30.34 17.41 24.76
CA VAL A 69 29.84 16.22 25.44
C VAL A 69 28.57 15.77 24.72
N VAL A 70 28.59 14.55 24.17
CA VAL A 70 27.39 13.98 23.61
C VAL A 70 26.46 13.61 24.77
N ASP A 71 25.18 13.97 24.62
CA ASP A 71 24.14 13.63 25.58
C ASP A 71 23.79 12.15 25.42
N ALA A 72 24.15 11.34 26.41
CA ALA A 72 23.82 9.92 26.30
C ALA A 72 22.82 9.48 27.36
N THR A 73 21.72 10.22 27.53
CA THR A 73 20.79 9.94 28.62
C THR A 73 19.42 9.44 28.16
N THR A 74 19.19 9.36 26.85
CA THR A 74 17.95 8.82 26.34
C THR A 74 18.22 7.99 25.09
N PHE A 75 17.30 7.07 24.79
CA PHE A 75 17.43 6.29 23.57
C PHE A 75 17.28 7.19 22.35
N GLN A 76 17.85 6.73 21.25
CA GLN A 76 17.84 7.48 20.01
C GLN A 76 16.85 6.84 19.04
N SER A 77 16.74 7.48 17.88
CA SER A 77 15.80 7.11 16.83
C SER A 77 15.82 5.62 16.51
N VAL A 78 14.65 5.11 16.11
CA VAL A 78 14.55 3.78 15.53
C VAL A 78 14.82 3.91 14.04
N CYS A 79 15.57 2.96 13.47
CA CYS A 79 15.78 2.90 12.02
C CYS A 79 14.45 2.72 11.30
N TYR A 80 14.31 3.32 10.13
CA TYR A 80 13.02 3.21 9.39
C TYR A 80 12.60 1.75 9.21
N GLN A 81 11.33 1.45 9.48
CA GLN A 81 10.83 0.08 9.44
C GLN A 81 9.31 0.09 9.36
N TYR A 82 8.78 -0.95 8.76
CA TYR A 82 7.35 -1.21 8.78
C TYR A 82 6.85 -1.30 10.21
N VAL A 83 5.68 -0.71 10.47
CA VAL A 83 5.01 -0.82 11.77
C VAL A 83 3.84 -1.79 11.67
N ASP A 84 3.78 -2.74 12.60
CA ASP A 84 2.73 -3.75 12.55
C ASP A 84 1.37 -3.12 12.85
N THR A 85 0.40 -3.32 11.96
CA THR A 85 -0.95 -2.82 12.18
C THR A 85 -1.97 -3.94 12.35
N LEU A 86 -1.53 -5.16 12.63
CA LEU A 86 -2.42 -6.32 12.58
C LEU A 86 -3.55 -6.18 13.61
N TYR A 87 -3.21 -5.87 14.84
CA TYR A 87 -4.20 -5.76 15.90
C TYR A 87 -4.00 -4.41 16.60
N PRO A 88 -4.39 -3.32 15.93
CA PRO A 88 -3.98 -1.99 16.39
C PRO A 88 -4.35 -1.75 17.84
N GLY A 89 -3.37 -1.29 18.61
CA GLY A 89 -3.55 -1.08 20.02
C GLY A 89 -3.47 -2.31 20.90
N PHE A 90 -3.33 -3.50 20.32
CA PHE A 90 -3.18 -4.72 21.11
C PHE A 90 -1.77 -4.80 21.69
N GLU A 91 -1.67 -5.07 23.00
CA GLU A 91 -0.36 -5.14 23.64
C GLU A 91 0.56 -6.17 22.98
N GLY A 92 0.00 -7.30 22.54
CA GLY A 92 0.82 -8.36 21.96
C GLY A 92 1.56 -7.95 20.70
N THR A 93 0.96 -7.10 19.88
CA THR A 93 1.66 -6.56 18.72
C THR A 93 2.39 -5.26 19.02
N GLU A 94 1.95 -4.48 20.00
CA GLU A 94 2.55 -3.16 20.17
C GLU A 94 3.88 -3.19 20.91
N MET A 95 4.09 -4.20 21.75
CA MET A 95 5.33 -4.29 22.53
C MET A 95 6.54 -4.36 21.62
N TRP A 96 6.34 -4.76 20.37
CA TRP A 96 7.40 -4.86 19.37
C TRP A 96 7.48 -3.68 18.43
N ASN A 97 6.54 -2.76 18.46
CA ASN A 97 6.57 -1.68 17.50
C ASN A 97 7.52 -0.56 17.97
N PRO A 98 8.01 0.28 17.05
CA PRO A 98 8.97 1.32 17.44
C PRO A 98 8.41 2.15 18.58
N ASN A 99 9.27 2.49 19.54
CA ASN A 99 8.83 3.36 20.62
C ASN A 99 9.67 4.64 20.70
N ARG A 100 10.19 5.08 19.56
CA ARG A 100 10.88 6.34 19.34
C ARG A 100 10.64 6.71 17.89
N GLU A 101 10.81 7.99 17.54
CA GLU A 101 10.69 8.33 16.13
C GLU A 101 11.54 7.45 15.23
N LEU A 102 11.00 7.23 14.03
CA LEU A 102 11.75 6.69 12.91
C LEU A 102 12.67 7.75 12.30
N SER A 103 13.89 7.33 11.95
CA SER A 103 14.84 8.16 11.24
C SER A 103 15.85 7.26 10.56
N GLU A 104 16.38 7.72 9.41
CA GLU A 104 17.55 7.05 8.86
C GLU A 104 18.82 7.33 9.69
N ASP A 105 18.82 8.41 10.48
CA ASP A 105 19.88 8.73 11.43
C ASP A 105 19.61 7.91 12.70
N CYS A 106 20.03 6.65 12.67
CA CYS A 106 19.69 5.71 13.73
C CYS A 106 20.84 4.84 14.23
N LEU A 107 22.07 5.02 13.73
CA LEU A 107 23.19 4.14 14.09
C LEU A 107 23.77 4.61 15.42
N TYR A 108 23.10 4.21 16.50
CA TYR A 108 23.53 4.45 17.87
C TYR A 108 23.56 3.14 18.62
N LEU A 109 24.34 3.09 19.69
CA LEU A 109 24.36 1.93 20.57
C LEU A 109 24.28 2.39 22.02
N ASN A 110 24.05 1.42 22.91
CA ASN A 110 23.79 1.70 24.31
C ASN A 110 24.67 0.84 25.19
N VAL A 111 25.13 1.39 26.31
CA VAL A 111 25.92 0.65 27.27
C VAL A 111 25.27 0.81 28.65
N TRP A 112 25.00 -0.32 29.30
CA TRP A 112 24.56 -0.39 30.68
C TRP A 112 25.69 -0.99 31.49
N THR A 113 25.97 -0.42 32.65
CA THR A 113 27.11 -0.93 33.41
C THR A 113 26.77 -0.75 34.90
N PRO A 114 27.35 -1.55 35.79
CA PRO A 114 27.03 -1.39 37.21
C PRO A 114 27.39 0.00 37.72
N TYR A 115 26.73 0.38 38.81
CA TYR A 115 26.99 1.65 39.47
C TYR A 115 27.49 1.39 40.89
N PRO A 116 28.67 1.90 41.26
CA PRO A 116 29.50 2.70 40.35
C PRO A 116 30.23 1.83 39.30
N ARG A 117 30.73 2.45 38.23
CA ARG A 117 31.26 1.68 37.10
C ARG A 117 32.30 0.69 37.59
N PRO A 118 32.34 -0.53 37.05
CA PRO A 118 33.34 -1.49 37.51
C PRO A 118 34.72 -0.91 37.27
N THR A 119 35.59 -1.11 38.25
CA THR A 119 36.97 -0.65 38.13
C THR A 119 37.91 -1.78 37.70
N SER A 120 37.42 -3.01 37.66
CA SER A 120 38.15 -4.12 37.07
C SER A 120 37.33 -4.67 35.90
N PRO A 121 37.98 -5.34 34.95
CA PRO A 121 37.29 -5.75 33.71
C PRO A 121 36.23 -6.81 33.97
N THR A 122 35.01 -6.52 33.51
CA THR A 122 33.72 -7.16 33.54
C THR A 122 33.39 -7.78 32.19
N PRO A 123 32.86 -9.01 32.18
CA PRO A 123 32.45 -9.64 30.91
C PRO A 123 31.34 -8.82 30.25
N VAL A 124 31.33 -8.84 28.92
CA VAL A 124 30.42 -8.02 28.11
C VAL A 124 29.42 -8.91 27.37
N LEU A 125 28.14 -8.57 27.47
CA LEU A 125 27.06 -9.15 26.68
C LEU A 125 26.62 -8.14 25.63
N VAL A 126 26.51 -8.59 24.38
CA VAL A 126 26.13 -7.71 23.27
C VAL A 126 24.85 -8.27 22.66
N TRP A 127 23.76 -7.55 22.82
CA TRP A 127 22.45 -7.96 22.34
C TRP A 127 22.22 -7.45 20.92
N ILE A 128 21.95 -8.37 20.00
CA ILE A 128 21.47 -8.04 18.66
C ILE A 128 19.99 -8.38 18.61
N TYR A 129 19.14 -7.39 18.38
CA TYR A 129 17.69 -7.64 18.43
C TYR A 129 17.20 -8.34 17.17
N GLY A 130 16.07 -9.05 17.31
CA GLY A 130 15.43 -9.70 16.20
C GLY A 130 14.38 -8.81 15.53
N GLY A 131 13.64 -9.42 14.61
CA GLY A 131 12.63 -8.66 13.89
C GLY A 131 12.66 -8.90 12.39
N GLY A 132 13.00 -10.12 11.97
CA GLY A 132 12.90 -10.48 10.55
C GLY A 132 13.82 -9.70 9.62
N PHE A 133 14.80 -8.98 10.17
CA PHE A 133 15.66 -8.06 9.42
C PHE A 133 14.88 -6.91 8.80
N TYR A 134 13.61 -6.74 9.17
CA TYR A 134 12.80 -5.67 8.62
C TYR A 134 12.37 -4.67 9.67
N SER A 135 12.59 -4.98 10.94
CA SER A 135 12.07 -4.22 12.07
C SER A 135 12.94 -4.52 13.28
N GLY A 136 12.72 -3.75 14.34
CA GLY A 136 13.42 -3.95 15.60
C GLY A 136 14.05 -2.65 16.08
N ALA A 137 14.44 -2.67 17.36
CA ALA A 137 15.05 -1.48 17.94
C ALA A 137 15.60 -1.82 19.32
N SER A 138 16.70 -1.15 19.68
CA SER A 138 17.35 -1.40 20.96
C SER A 138 16.59 -0.79 22.13
N SER A 139 15.64 0.12 21.86
CA SER A 139 14.90 0.88 22.87
C SER A 139 13.60 0.23 23.32
N LEU A 140 13.23 -0.93 22.77
CA LEU A 140 12.04 -1.60 23.24
C LEU A 140 12.15 -1.86 24.74
N ASP A 141 11.02 -1.76 25.43
CA ASP A 141 10.99 -1.99 26.87
C ASP A 141 11.51 -3.38 27.22
N VAL A 142 11.18 -4.37 26.40
CA VAL A 142 11.55 -5.73 26.74
C VAL A 142 13.05 -6.00 26.64
N TYR A 143 13.83 -5.11 26.01
CA TYR A 143 15.29 -5.25 25.96
C TYR A 143 15.99 -4.38 26.99
N ASP A 144 15.33 -4.07 28.10
CA ASP A 144 15.88 -3.14 29.09
C ASP A 144 17.04 -3.80 29.84
N GLY A 145 18.25 -3.29 29.63
CA GLY A 145 19.42 -3.94 30.20
C GLY A 145 19.56 -3.80 31.71
N ARG A 146 18.79 -2.91 32.35
CA ARG A 146 19.10 -2.51 33.72
C ARG A 146 19.06 -3.69 34.71
N PHE A 147 18.23 -4.70 34.48
CA PHE A 147 18.09 -5.76 35.48
C PHE A 147 19.22 -6.79 35.39
N LEU A 148 19.59 -7.26 34.18
CA LEU A 148 20.78 -8.10 34.03
C LEU A 148 22.01 -7.45 34.60
N VAL A 149 22.19 -6.17 34.31
CA VAL A 149 23.41 -5.50 34.73
C VAL A 149 23.50 -5.52 36.25
N GLN A 150 22.40 -5.18 36.94
CA GLN A 150 22.40 -5.13 38.40
C GLN A 150 22.51 -6.52 39.01
N ALA A 151 21.78 -7.49 38.45
CA ALA A 151 21.74 -8.82 39.05
C ALA A 151 23.06 -9.54 38.87
N GLU A 152 23.61 -9.51 37.66
CA GLU A 152 24.72 -10.38 37.31
C GLU A 152 26.02 -9.62 37.06
N ARG A 153 26.02 -8.30 37.28
CA ARG A 153 27.22 -7.46 37.22
C ARG A 153 28.08 -7.76 35.99
N THR A 154 27.47 -7.55 34.82
CA THR A 154 28.14 -7.59 33.55
C THR A 154 27.98 -6.22 32.89
N VAL A 155 28.75 -5.97 31.85
CA VAL A 155 28.47 -4.84 30.99
C VAL A 155 27.59 -5.31 29.85
N LEU A 156 26.56 -4.54 29.53
CA LEU A 156 25.64 -4.92 28.48
C LEU A 156 25.68 -3.84 27.41
N VAL A 157 25.89 -4.25 26.16
CA VAL A 157 25.83 -3.35 25.02
C VAL A 157 24.74 -3.84 24.08
N SER A 158 24.03 -2.89 23.47
CA SER A 158 23.09 -3.19 22.40
C SER A 158 23.20 -2.07 21.38
N MET A 159 22.93 -2.39 20.12
CA MET A 159 23.09 -1.42 19.05
C MET A 159 21.87 -1.46 18.15
N ASN A 160 21.65 -0.36 17.45
CA ASN A 160 20.71 -0.32 16.36
C ASN A 160 21.43 -0.60 15.05
N TYR A 161 20.84 -1.45 14.21
CA TYR A 161 21.36 -1.69 12.89
C TYR A 161 20.25 -1.50 11.86
N ARG A 162 20.62 -1.07 10.65
CA ARG A 162 19.63 -0.80 9.62
C ARG A 162 18.87 -2.05 9.22
N VAL A 163 17.57 -1.92 8.98
CA VAL A 163 16.70 -3.05 8.63
C VAL A 163 15.98 -2.75 7.32
N GLY A 164 15.23 -3.73 6.84
CA GLY A 164 14.46 -3.59 5.61
C GLY A 164 15.38 -3.25 4.47
N ALA A 165 14.86 -2.54 3.46
CA ALA A 165 15.70 -2.17 2.31
C ALA A 165 16.92 -1.36 2.72
N PHE A 166 16.84 -0.55 3.78
CA PHE A 166 17.98 0.25 4.21
C PHE A 166 19.17 -0.60 4.63
N GLY A 167 18.94 -1.76 5.24
CA GLY A 167 20.01 -2.61 5.64
C GLY A 167 20.35 -3.74 4.68
N PHE A 168 19.41 -4.17 3.83
CA PHE A 168 19.63 -5.42 3.14
C PHE A 168 19.19 -5.43 1.69
N LEU A 169 18.74 -4.31 1.15
CA LEU A 169 18.59 -4.24 -0.30
C LEU A 169 19.93 -4.44 -0.96
N ALA A 170 19.96 -5.35 -1.94
CA ALA A 170 21.18 -5.74 -2.62
C ALA A 170 20.97 -5.76 -4.12
N LEU A 171 21.86 -5.09 -4.85
CA LEU A 171 22.10 -5.35 -6.27
C LEU A 171 23.47 -6.01 -6.30
N PRO A 172 23.56 -7.36 -6.28
CA PRO A 172 24.86 -8.00 -6.17
C PRO A 172 25.88 -7.64 -7.24
N GLY A 173 27.07 -7.20 -6.82
CA GLY A 173 28.12 -6.79 -7.77
C GLY A 173 28.19 -5.28 -7.85
N SER A 174 27.20 -4.61 -7.28
CA SER A 174 27.13 -3.13 -7.34
C SER A 174 27.88 -2.53 -6.18
N ARG A 175 28.33 -1.31 -6.35
CA ARG A 175 29.05 -0.61 -5.29
C ARG A 175 28.09 0.36 -4.64
N GLU A 176 26.90 0.50 -5.23
CA GLU A 176 25.92 1.49 -4.74
C GLU A 176 24.91 0.80 -3.83
N ALA A 177 24.67 -0.49 -4.06
CA ALA A 177 23.74 -1.29 -3.23
C ALA A 177 24.41 -2.66 -3.01
N PRO A 178 25.54 -2.80 -2.27
CA PRO A 178 26.23 -4.10 -2.21
C PRO A 178 25.51 -5.17 -1.39
N GLY A 179 24.56 -4.79 -0.54
CA GLY A 179 23.93 -5.76 0.33
C GLY A 179 24.63 -5.92 1.67
N ASN A 180 23.88 -6.43 2.63
CA ASN A 180 24.37 -6.82 3.95
C ASN A 180 24.87 -5.64 4.80
N VAL A 181 24.60 -4.39 4.41
CA VAL A 181 25.14 -3.27 5.21
C VAL A 181 24.57 -3.28 6.63
N GLY A 182 23.36 -3.79 6.84
CA GLY A 182 22.89 -3.93 8.21
C GLY A 182 23.79 -4.82 9.04
N LEU A 183 24.27 -5.92 8.45
CA LEU A 183 25.25 -6.77 9.11
C LEU A 183 26.56 -6.01 9.36
N LEU A 184 26.98 -5.18 8.40
CA LEU A 184 28.16 -4.37 8.63
C LEU A 184 27.95 -3.37 9.77
N ASP A 185 26.72 -2.82 9.91
CA ASP A 185 26.40 -1.97 11.06
C ASP A 185 26.68 -2.71 12.36
N GLN A 186 26.22 -3.97 12.45
CA GLN A 186 26.49 -4.80 13.62
C GLN A 186 27.98 -5.01 13.82
N ARG A 187 28.71 -5.32 12.74
CA ARG A 187 30.15 -5.55 12.87
C ARG A 187 30.86 -4.30 13.39
N LEU A 188 30.50 -3.14 12.82
CA LEU A 188 31.09 -1.88 13.25
C LEU A 188 30.85 -1.65 14.74
N ALA A 189 29.64 -1.94 15.22
CA ALA A 189 29.38 -1.76 16.63
C ALA A 189 30.22 -2.72 17.47
N LEU A 190 30.38 -3.97 17.00
CA LEU A 190 31.28 -4.92 17.68
C LEU A 190 32.72 -4.40 17.70
N GLN A 191 33.16 -3.75 16.61
CA GLN A 191 34.47 -3.11 16.64
C GLN A 191 34.51 -1.97 17.64
N TRP A 192 33.48 -1.12 17.64
CA TRP A 192 33.39 -0.07 18.64
C TRP A 192 33.53 -0.64 20.05
N VAL A 193 32.95 -1.83 20.28
CA VAL A 193 33.06 -2.41 21.60
C VAL A 193 34.50 -2.81 21.89
N GLN A 194 35.21 -3.33 20.89
CA GLN A 194 36.61 -3.73 21.08
C GLN A 194 37.46 -2.54 21.52
N GLU A 195 37.28 -1.39 20.87
CA GLU A 195 38.10 -0.23 21.13
C GLU A 195 37.62 0.61 22.29
N ASN A 196 36.37 0.49 22.72
CA ASN A 196 35.87 1.44 23.70
C ASN A 196 35.26 0.83 24.95
N VAL A 197 34.99 -0.46 24.99
CA VAL A 197 34.17 -0.95 26.10
C VAL A 197 34.91 -0.87 27.42
N ALA A 198 36.26 -0.85 27.39
CA ALA A 198 37.02 -0.78 28.64
C ALA A 198 36.83 0.54 29.36
N ALA A 199 36.51 1.61 28.62
CA ALA A 199 36.25 2.90 29.25
C ALA A 199 35.02 2.86 30.14
N PHE A 200 34.24 1.78 30.07
CA PHE A 200 33.07 1.60 30.93
C PHE A 200 33.29 0.47 31.94
N GLY A 201 34.46 -0.15 31.96
CA GLY A 201 34.72 -1.28 32.82
C GLY A 201 34.52 -2.63 32.17
N GLY A 202 34.19 -2.67 30.89
CA GLY A 202 34.03 -3.94 30.22
C GLY A 202 35.36 -4.51 29.78
N ASP A 203 35.39 -5.84 29.64
CA ASP A 203 36.59 -6.58 29.27
C ASP A 203 36.49 -7.00 27.80
N PRO A 204 37.16 -6.32 26.87
CA PRO A 204 36.99 -6.63 25.45
C PRO A 204 37.53 -7.99 25.05
N THR A 205 38.18 -8.72 25.96
CA THR A 205 38.60 -10.09 25.71
C THR A 205 37.54 -11.12 26.12
N SER A 206 36.41 -10.69 26.71
CA SER A 206 35.29 -11.58 27.04
C SER A 206 33.99 -10.97 26.55
N VAL A 207 33.68 -11.15 25.28
CA VAL A 207 32.47 -10.60 24.68
C VAL A 207 31.59 -11.77 24.22
N THR A 208 30.40 -11.88 24.80
CA THR A 208 29.39 -12.84 24.35
C THR A 208 28.34 -12.10 23.51
N LEU A 209 28.11 -12.59 22.30
CA LEU A 209 26.96 -12.17 21.49
C LEU A 209 25.71 -12.95 21.89
N PHE A 210 24.57 -12.27 21.91
CA PHE A 210 23.35 -13.03 22.06
C PHE A 210 22.24 -12.31 21.33
N GLY A 211 21.37 -13.09 20.69
CA GLY A 211 20.28 -12.57 19.90
C GLY A 211 19.12 -13.54 19.90
N GLU A 212 17.99 -13.04 19.42
CA GLU A 212 16.77 -13.84 19.28
C GLU A 212 16.21 -13.63 17.88
N SER A 213 15.70 -14.71 17.26
CA SER A 213 15.06 -14.68 15.93
C SER A 213 16.04 -14.13 14.92
N ALA A 214 15.74 -13.05 14.19
CA ALA A 214 16.71 -12.52 13.24
C ALA A 214 18.00 -12.09 13.93
N GLY A 215 17.93 -11.76 15.23
CA GLY A 215 19.15 -11.47 15.97
C GLY A 215 20.03 -12.68 16.16
N ALA A 216 19.44 -13.84 16.48
CA ALA A 216 20.20 -15.09 16.53
C ALA A 216 20.80 -15.43 15.17
N ALA A 217 20.03 -15.24 14.09
CA ALA A 217 20.60 -15.52 12.77
C ALA A 217 21.77 -14.58 12.50
N SER A 218 21.64 -13.33 12.95
CA SER A 218 22.74 -12.38 12.87
C SER A 218 23.97 -12.91 13.62
N VAL A 219 23.78 -13.30 14.89
CA VAL A 219 24.88 -13.85 15.68
C VAL A 219 25.53 -15.01 14.93
N GLY A 220 24.71 -15.91 14.38
CA GLY A 220 25.25 -17.05 13.64
C GLY A 220 25.99 -16.63 12.38
N MET A 221 25.57 -15.53 11.76
CA MET A 221 26.31 -15.07 10.59
C MET A 221 27.65 -14.49 10.96
N HIS A 222 27.77 -13.91 12.15
CA HIS A 222 29.08 -13.44 12.59
C HIS A 222 30.01 -14.60 12.94
N LEU A 223 29.47 -15.74 13.39
CA LEU A 223 30.30 -16.94 13.56
C LEU A 223 30.92 -17.39 12.25
N LEU A 224 30.12 -17.36 11.17
CA LEU A 224 30.52 -17.89 9.88
C LEU A 224 31.26 -16.90 9.01
N SER A 225 31.56 -15.72 9.52
CA SER A 225 32.20 -14.67 8.73
C SER A 225 33.47 -14.21 9.42
N PRO A 226 34.64 -14.48 8.83
CA PRO A 226 35.91 -14.37 9.56
C PRO A 226 36.22 -12.97 10.10
N PRO A 227 36.01 -11.89 9.33
CA PRO A 227 36.23 -10.55 9.91
C PRO A 227 35.43 -10.30 11.20
N SER A 228 34.25 -10.89 11.35
CA SER A 228 33.52 -10.73 12.61
C SER A 228 34.06 -11.65 13.69
N ARG A 229 34.60 -12.81 13.31
CA ARG A 229 34.85 -13.87 14.27
C ARG A 229 35.90 -13.46 15.30
N GLY A 230 36.75 -12.47 14.98
CA GLY A 230 37.70 -11.98 15.96
C GLY A 230 37.17 -10.98 16.97
N LEU A 231 35.88 -10.69 16.99
CA LEU A 231 35.33 -9.59 17.78
C LEU A 231 34.45 -10.07 18.92
N PHE A 232 34.39 -11.38 19.18
CA PHE A 232 33.62 -11.93 20.28
C PHE A 232 34.11 -13.36 20.52
N HIS A 233 33.66 -13.96 21.61
CA HIS A 233 34.26 -15.19 22.10
C HIS A 233 33.27 -16.31 22.29
N ARG A 234 32.01 -16.01 22.57
CA ARG A 234 31.00 -17.05 22.64
C ARG A 234 29.66 -16.43 22.27
N ALA A 235 28.68 -17.29 21.99
CA ALA A 235 27.47 -16.86 21.30
C ALA A 235 26.24 -17.51 21.92
N VAL A 236 25.14 -16.76 21.95
CA VAL A 236 23.83 -17.30 22.34
C VAL A 236 22.88 -17.10 21.18
N LEU A 237 22.12 -18.15 20.84
CA LEU A 237 21.18 -18.12 19.72
C LEU A 237 19.82 -18.56 20.23
N GLN A 238 18.89 -17.61 20.36
CA GLN A 238 17.54 -17.88 20.86
C GLN A 238 16.55 -17.87 19.69
N SER A 239 15.99 -19.04 19.40
CA SER A 239 14.85 -19.16 18.47
C SER A 239 15.22 -18.70 17.07
N GLY A 240 16.49 -18.83 16.68
CA GLY A 240 16.94 -18.39 15.38
C GLY A 240 18.25 -19.05 14.99
N ALA A 241 18.56 -18.97 13.70
CA ALA A 241 19.78 -19.58 13.17
C ALA A 241 20.03 -19.08 11.75
N PRO A 242 21.29 -19.00 11.32
CA PRO A 242 21.56 -18.43 9.99
C PRO A 242 21.18 -19.34 8.85
N ASN A 243 21.04 -20.65 9.08
CA ASN A 243 20.67 -21.62 8.05
C ASN A 243 19.16 -21.76 7.86
N GLY A 244 18.34 -21.06 8.65
CA GLY A 244 16.91 -21.06 8.41
C GLY A 244 16.53 -20.62 7.01
N PRO A 245 15.46 -21.23 6.44
CA PRO A 245 15.03 -20.86 5.08
C PRO A 245 14.62 -19.38 4.87
N TRP A 246 14.44 -18.60 5.92
CA TRP A 246 14.06 -17.20 5.78
C TRP A 246 15.22 -16.22 5.94
N ALA A 247 16.38 -16.67 6.42
CA ALA A 247 17.42 -15.76 6.92
C ALA A 247 18.36 -15.26 5.83
N THR A 248 18.53 -16.00 4.73
CA THR A 248 19.35 -15.56 3.61
C THR A 248 18.59 -15.69 2.31
N VAL A 249 19.12 -15.04 1.28
CA VAL A 249 18.54 -15.07 -0.06
C VAL A 249 19.71 -15.11 -1.04
N GLY A 250 19.49 -15.71 -2.21
CA GLY A 250 20.54 -15.77 -3.21
C GLY A 250 20.69 -14.46 -3.96
N MET A 251 21.78 -14.33 -4.72
CA MET A 251 21.96 -13.09 -5.48
C MET A 251 20.81 -12.86 -6.46
N GLY A 252 20.46 -13.88 -7.24
CA GLY A 252 19.38 -13.74 -8.20
C GLY A 252 18.12 -13.14 -7.62
N GLU A 253 17.64 -13.71 -6.49
CA GLU A 253 16.39 -13.25 -5.90
C GLU A 253 16.54 -11.91 -5.19
N ALA A 254 17.72 -11.66 -4.61
CA ALA A 254 17.98 -10.33 -4.07
C ALA A 254 17.88 -9.27 -5.16
N ARG A 255 18.43 -9.55 -6.34
CA ARG A 255 18.31 -8.60 -7.44
C ARG A 255 16.88 -8.49 -7.94
N ARG A 256 16.16 -9.60 -8.03
CA ARG A 256 14.78 -9.49 -8.45
C ARG A 256 13.98 -8.63 -7.47
N ARG A 257 14.22 -8.80 -6.17
CA ARG A 257 13.43 -8.07 -5.19
C ARG A 257 13.78 -6.60 -5.19
N ALA A 258 15.07 -6.27 -5.34
CA ALA A 258 15.48 -4.87 -5.41
C ALA A 258 14.94 -4.21 -6.68
N THR A 259 14.98 -4.93 -7.81
CA THR A 259 14.45 -4.38 -9.06
C THR A 259 12.93 -4.17 -8.97
N GLN A 260 12.20 -5.10 -8.33
CA GLN A 260 10.75 -4.89 -8.28
C GLN A 260 10.38 -3.78 -7.30
N LEU A 261 11.17 -3.60 -6.24
CA LEU A 261 10.95 -2.46 -5.37
C LEU A 261 11.06 -1.16 -6.16
N ALA A 262 12.07 -1.07 -7.03
CA ALA A 262 12.29 0.15 -7.80
C ALA A 262 11.08 0.46 -8.67
N HIS A 263 10.61 -0.53 -9.43
CA HIS A 263 9.42 -0.36 -10.26
C HIS A 263 8.24 0.13 -9.42
N LEU A 264 8.02 -0.48 -8.25
CA LEU A 264 6.86 -0.15 -7.44
C LEU A 264 6.89 1.28 -6.88
N VAL A 265 8.05 1.94 -6.85
CA VAL A 265 8.13 3.30 -6.31
C VAL A 265 8.46 4.33 -7.39
N GLY A 266 8.42 3.95 -8.65
CA GLY A 266 8.58 4.90 -9.74
C GLY A 266 9.95 4.95 -10.38
N CYS A 267 10.78 3.95 -10.19
CA CYS A 267 12.15 4.07 -10.62
C CYS A 267 12.43 3.17 -11.81
N PRO A 268 13.42 3.51 -12.65
CA PRO A 268 13.74 2.68 -13.80
C PRO A 268 14.50 1.38 -13.46
N ASN A 275 20.69 -0.46 -15.81
CA ASN A 275 21.89 0.08 -15.17
C ASN A 275 21.68 0.18 -13.63
N ASP A 276 22.60 -0.43 -12.87
CA ASP A 276 22.46 -0.45 -11.41
C ASP A 276 22.64 0.92 -10.80
N THR A 277 23.60 1.70 -11.32
CA THR A 277 23.86 3.03 -10.78
C THR A 277 22.62 3.92 -10.90
N GLU A 278 21.98 3.90 -12.06
CA GLU A 278 20.81 4.74 -12.26
C GLU A 278 19.65 4.28 -11.37
N LEU A 279 19.54 2.97 -11.13
CA LEU A 279 18.45 2.45 -10.30
C LEU A 279 18.60 2.89 -8.83
N VAL A 280 19.79 2.70 -8.25
CA VAL A 280 20.01 3.10 -6.87
C VAL A 280 19.95 4.60 -6.71
N ALA A 281 20.22 5.36 -7.76
CA ALA A 281 20.20 6.83 -7.59
C ALA A 281 18.78 7.31 -7.36
N CYS A 282 17.83 6.71 -8.07
CA CYS A 282 16.40 7.09 -7.94
C CYS A 282 15.85 6.62 -6.60
N LEU A 283 16.33 5.49 -6.10
CA LEU A 283 15.82 4.94 -4.82
C LEU A 283 16.30 5.84 -3.67
N ARG A 284 17.36 6.61 -3.89
CA ARG A 284 17.92 7.47 -2.81
C ARG A 284 17.19 8.80 -2.82
N THR A 285 16.40 9.07 -3.85
CA THR A 285 15.65 10.34 -3.97
C THR A 285 14.29 10.13 -3.35
N ARG A 286 13.95 8.89 -3.10
CA ARG A 286 12.63 8.57 -2.53
C ARG A 286 12.67 8.73 -1.02
N PRO A 287 11.62 9.28 -0.39
CA PRO A 287 11.55 9.33 1.06
C PRO A 287 11.60 7.93 1.67
N ALA A 288 12.15 7.79 2.88
CA ALA A 288 12.29 6.46 3.47
C ALA A 288 10.94 5.77 3.55
N GLN A 289 9.92 6.49 4.02
CA GLN A 289 8.61 5.87 4.19
C GLN A 289 8.09 5.28 2.88
N VAL A 290 8.48 5.85 1.74
CA VAL A 290 8.03 5.32 0.47
C VAL A 290 8.56 3.92 0.25
N LEU A 291 9.84 3.70 0.58
CA LEU A 291 10.40 2.36 0.41
C LEU A 291 9.70 1.37 1.33
N VAL A 292 9.57 1.72 2.60
CA VAL A 292 8.88 0.87 3.56
C VAL A 292 7.50 0.45 3.04
N ASN A 293 6.77 1.36 2.41
CA ASN A 293 5.37 1.09 2.07
C ASN A 293 5.22 -0.07 1.08
N HIS A 294 6.19 -0.27 0.21
CA HIS A 294 6.13 -1.33 -0.79
C HIS A 294 6.94 -2.56 -0.42
N GLU A 295 7.46 -2.60 0.81
CA GLU A 295 8.38 -3.66 1.20
C GLU A 295 7.76 -5.03 0.98
N TRP A 296 6.59 -5.28 1.57
CA TRP A 296 6.05 -6.64 1.57
C TRP A 296 5.59 -7.11 0.20
N HIS A 297 5.52 -6.23 -0.79
CA HIS A 297 4.99 -6.61 -2.09
C HIS A 297 6.03 -7.21 -3.02
N VAL A 298 7.32 -7.18 -2.66
CA VAL A 298 8.30 -7.84 -3.51
C VAL A 298 8.50 -9.30 -3.16
N LEU A 299 7.86 -9.80 -2.10
CA LEU A 299 7.89 -11.22 -1.80
C LEU A 299 7.28 -11.99 -2.96
N PRO A 300 7.80 -13.14 -3.29
CA PRO A 300 7.31 -13.82 -4.50
C PRO A 300 6.08 -14.70 -4.30
N GLN A 301 5.79 -15.18 -3.10
CA GLN A 301 4.60 -16.01 -2.90
C GLN A 301 3.85 -15.53 -1.67
N GLU A 302 2.57 -15.89 -1.59
CA GLU A 302 1.83 -15.65 -0.36
C GLU A 302 2.46 -16.49 0.75
N SER A 303 2.79 -15.86 1.88
CA SER A 303 3.67 -16.51 2.83
C SER A 303 3.42 -15.98 4.22
N VAL A 304 4.07 -16.69 5.16
CA VAL A 304 4.17 -16.26 6.57
C VAL A 304 5.64 -16.58 6.87
N PHE A 305 6.31 -15.86 7.77
CA PHE A 305 7.73 -16.09 8.17
C PHE A 305 8.67 -15.93 6.98
N ARG A 306 8.41 -14.95 6.13
CA ARG A 306 9.26 -14.68 4.97
C ARG A 306 9.40 -13.17 4.90
N PHE A 307 10.61 -12.67 4.75
CA PHE A 307 10.87 -11.21 4.81
C PHE A 307 11.54 -10.79 3.52
N SER A 308 11.36 -9.56 3.05
CA SER A 308 11.76 -9.14 1.70
C SER A 308 13.26 -8.94 1.57
N PHE A 309 13.86 -8.22 2.52
CA PHE A 309 15.27 -7.86 2.41
C PHE A 309 16.01 -8.44 3.60
N VAL A 310 16.78 -9.49 3.33
CA VAL A 310 17.51 -10.24 4.33
C VAL A 310 18.95 -10.36 3.84
N PRO A 311 19.87 -10.87 4.65
CA PRO A 311 21.25 -11.07 4.18
C PRO A 311 21.31 -11.86 2.88
N VAL A 312 22.22 -11.46 2.00
CA VAL A 312 22.42 -12.10 0.71
C VAL A 312 23.74 -12.86 0.73
N VAL A 313 23.75 -14.04 0.11
CA VAL A 313 24.97 -14.83 -0.06
C VAL A 313 25.62 -14.39 -1.37
N ASP A 314 26.72 -13.64 -1.26
CA ASP A 314 27.34 -12.97 -2.39
C ASP A 314 28.82 -13.29 -2.52
N GLY A 315 29.35 -14.14 -1.65
CA GLY A 315 30.77 -14.39 -1.61
C GLY A 315 31.54 -13.52 -0.66
N ASP A 316 30.96 -12.40 -0.20
CA ASP A 316 31.72 -11.51 0.66
C ASP A 316 31.47 -11.76 2.15
N PHE A 317 30.45 -11.13 2.75
CA PHE A 317 30.19 -11.38 4.17
C PHE A 317 29.94 -12.87 4.42
N LEU A 318 29.23 -13.55 3.51
CA LEU A 318 29.07 -15.00 3.52
C LEU A 318 29.75 -15.56 2.28
N SER A 319 30.91 -16.22 2.47
CA SER A 319 31.63 -16.76 1.31
C SER A 319 30.89 -17.91 0.64
N ASP A 320 29.89 -18.47 1.31
CA ASP A 320 29.01 -19.54 0.81
C ASP A 320 27.76 -19.52 1.67
N THR A 321 26.78 -20.37 1.34
CA THR A 321 25.57 -20.44 2.14
C THR A 321 25.90 -20.82 3.57
N PRO A 322 25.12 -20.38 4.55
CA PRO A 322 25.42 -20.75 5.94
C PRO A 322 25.34 -22.25 6.16
N GLU A 323 24.45 -22.96 5.45
N GLU A 323 24.47 -22.96 5.44
CA GLU A 323 24.42 -24.41 5.56
CA GLU A 323 24.42 -24.41 5.58
C GLU A 323 25.75 -25.01 5.15
C GLU A 323 25.74 -25.04 5.14
N ALA A 324 26.37 -24.47 4.11
CA ALA A 324 27.65 -24.98 3.65
C ALA A 324 28.77 -24.65 4.63
N LEU A 325 28.85 -23.38 5.05
CA LEU A 325 29.91 -22.94 5.97
C LEU A 325 29.84 -23.68 7.30
N ILE A 326 28.65 -24.14 7.69
CA ILE A 326 28.48 -24.90 8.91
C ILE A 326 29.07 -26.29 8.76
N ASN A 327 28.68 -26.99 7.69
CA ASN A 327 29.12 -28.36 7.48
C ASN A 327 30.63 -28.45 7.32
N ALA A 328 31.29 -27.34 7.00
CA ALA A 328 32.72 -27.31 6.69
C ALA A 328 33.59 -26.75 7.81
N GLY A 329 33.03 -26.39 8.94
CA GLY A 329 33.73 -25.59 9.92
C GLY A 329 34.40 -26.38 11.03
N ASP A 330 35.57 -25.88 11.46
CA ASP A 330 36.24 -26.35 12.66
C ASP A 330 35.79 -25.43 13.79
N PHE A 331 34.97 -25.95 14.70
CA PHE A 331 34.40 -25.11 15.74
C PHE A 331 34.95 -25.48 17.10
N HIS A 332 36.18 -26.01 17.13
CA HIS A 332 36.84 -26.22 18.41
C HIS A 332 37.12 -24.88 19.07
N GLY A 333 36.87 -24.79 20.36
CA GLY A 333 37.10 -23.57 21.10
C GLY A 333 35.91 -22.67 21.19
N LEU A 334 34.79 -23.08 20.63
CA LEU A 334 33.55 -22.32 20.62
C LEU A 334 32.58 -22.94 21.61
N GLN A 335 32.03 -22.12 22.50
CA GLN A 335 30.88 -22.50 23.32
C GLN A 335 29.65 -21.76 22.82
N VAL A 336 28.54 -22.46 22.70
CA VAL A 336 27.32 -21.90 22.14
C VAL A 336 26.17 -22.32 23.02
N LEU A 337 25.25 -21.40 23.26
CA LEU A 337 24.00 -21.68 23.95
C LEU A 337 22.88 -21.41 22.96
N VAL A 338 22.08 -22.45 22.65
CA VAL A 338 21.03 -22.39 21.64
C VAL A 338 19.75 -22.94 22.24
N GLY A 339 18.61 -22.52 21.70
CA GLY A 339 17.33 -22.96 22.25
C GLY A 339 16.14 -22.40 21.50
N VAL A 340 14.96 -22.91 21.86
CA VAL A 340 13.69 -22.58 21.20
C VAL A 340 12.61 -22.42 22.26
N VAL A 341 11.54 -21.71 21.89
CA VAL A 341 10.32 -21.75 22.70
C VAL A 341 9.53 -22.99 22.31
N LYS A 342 8.48 -23.28 23.08
CA LYS A 342 7.79 -24.56 22.96
C LYS A 342 6.88 -24.56 21.73
N ASP A 343 6.31 -23.41 21.35
CA ASP A 343 5.40 -23.30 20.21
C ASP A 343 5.91 -22.21 19.26
N GLU A 344 6.99 -22.55 18.56
CA GLU A 344 7.66 -21.58 17.70
C GLU A 344 6.73 -21.04 16.62
N GLY A 345 5.91 -21.91 16.04
CA GLY A 345 5.20 -21.52 14.83
C GLY A 345 3.90 -20.76 15.03
N SER A 346 3.19 -21.00 16.14
CA SER A 346 1.81 -20.52 16.32
C SER A 346 1.65 -19.04 16.00
N TYR A 347 2.51 -18.17 16.52
CA TYR A 347 2.40 -16.70 16.37
C TYR A 347 2.27 -16.32 14.90
N PHE A 348 3.05 -16.95 14.05
CA PHE A 348 3.07 -16.52 12.66
C PHE A 348 1.77 -16.84 11.93
N LEU A 349 0.93 -17.72 12.49
CA LEU A 349 -0.19 -18.19 11.68
C LEU A 349 -1.25 -17.10 11.50
N VAL A 350 -1.38 -16.19 12.48
CA VAL A 350 -2.37 -15.11 12.42
C VAL A 350 -1.93 -13.98 11.51
N TYR A 351 -0.86 -14.16 10.75
CA TYR A 351 -0.44 -13.18 9.75
C TYR A 351 -0.67 -13.70 8.33
N GLY A 352 -1.48 -14.75 8.16
CA GLY A 352 -1.84 -15.11 6.81
C GLY A 352 -2.21 -16.55 6.53
N ALA A 353 -2.14 -17.40 7.54
CA ALA A 353 -2.69 -18.74 7.40
C ALA A 353 -4.21 -18.65 7.42
N PRO A 354 -4.89 -19.20 6.42
CA PRO A 354 -6.36 -19.22 6.39
C PRO A 354 -6.98 -19.88 7.62
N GLY A 355 -7.96 -19.21 8.21
CA GLY A 355 -8.70 -19.76 9.32
C GLY A 355 -8.26 -19.27 10.67
N PHE A 356 -7.14 -18.55 10.75
CA PHE A 356 -6.52 -18.24 12.03
C PHE A 356 -6.80 -16.83 12.49
N SER A 357 -7.02 -16.68 13.80
CA SER A 357 -7.08 -15.37 14.43
C SER A 357 -6.74 -15.56 15.90
N LYS A 358 -6.27 -14.47 16.52
CA LYS A 358 -6.05 -14.51 17.96
C LYS A 358 -7.36 -14.48 18.74
N ASP A 359 -8.49 -14.31 18.05
CA ASP A 359 -9.74 -13.98 18.72
C ASP A 359 -10.74 -15.10 18.72
N ASN A 360 -10.42 -16.23 18.10
CA ASN A 360 -11.23 -17.43 18.28
C ASN A 360 -10.26 -18.60 18.45
N GLU A 361 -10.79 -19.81 18.41
CA GLU A 361 -9.97 -20.97 18.67
C GLU A 361 -9.13 -21.39 17.47
N SER A 362 -9.34 -20.73 16.33
CA SER A 362 -8.68 -21.10 15.09
C SER A 362 -8.71 -22.62 14.88
N LEU A 363 -9.92 -23.18 14.93
CA LEU A 363 -10.09 -24.62 14.67
C LEU A 363 -10.29 -24.78 13.17
N ILE A 364 -9.17 -24.92 12.44
CA ILE A 364 -9.20 -24.96 10.99
C ILE A 364 -9.72 -26.31 10.46
N SER A 365 -10.22 -26.28 9.23
CA SER A 365 -10.64 -27.45 8.49
C SER A 365 -9.47 -28.08 7.75
N ARG A 366 -9.65 -29.33 7.32
CA ARG A 366 -8.66 -30.00 6.49
C ARG A 366 -8.29 -29.14 5.30
N ALA A 367 -9.28 -28.53 4.65
CA ALA A 367 -8.98 -27.72 3.47
C ALA A 367 -8.21 -26.47 3.83
N GLU A 368 -8.49 -25.89 5.00
CA GLU A 368 -7.69 -24.77 5.51
C GLU A 368 -6.26 -25.22 5.80
N PHE A 369 -6.09 -26.33 6.52
CA PHE A 369 -4.77 -26.88 6.81
C PHE A 369 -3.95 -27.05 5.53
N LEU A 370 -4.52 -27.72 4.53
CA LEU A 370 -3.78 -27.91 3.30
C LEU A 370 -3.43 -26.56 2.65
N ALA A 371 -4.36 -25.61 2.66
CA ALA A 371 -4.04 -24.26 2.20
C ALA A 371 -2.92 -23.65 3.04
N GLY A 372 -3.06 -23.72 4.37
CA GLY A 372 -2.03 -23.23 5.28
C GLY A 372 -0.65 -23.81 5.05
N VAL A 373 -0.56 -25.05 4.57
CA VAL A 373 0.75 -25.65 4.38
C VAL A 373 1.48 -24.99 3.23
N ARG A 374 0.78 -24.60 2.17
CA ARG A 374 1.46 -23.90 1.09
C ARG A 374 1.89 -22.51 1.52
N VAL A 375 1.19 -21.92 2.49
CA VAL A 375 1.53 -20.56 2.91
C VAL A 375 2.73 -20.58 3.85
N GLY A 376 2.81 -21.60 4.72
CA GLY A 376 3.91 -21.75 5.66
C GLY A 376 5.15 -22.44 5.12
N VAL A 377 5.03 -23.21 4.04
CA VAL A 377 6.19 -23.78 3.35
C VAL A 377 6.19 -23.23 1.93
N PRO A 378 6.42 -21.94 1.74
CA PRO A 378 6.25 -21.36 0.41
C PRO A 378 7.40 -21.65 -0.53
N GLN A 379 7.07 -21.76 -1.80
CA GLN A 379 8.05 -22.03 -2.85
C GLN A 379 8.82 -23.35 -2.64
N VAL A 380 8.09 -24.40 -2.28
CA VAL A 380 8.52 -25.76 -2.53
C VAL A 380 7.59 -26.32 -3.61
N SER A 381 8.04 -27.39 -4.25
CA SER A 381 7.23 -28.06 -5.26
C SER A 381 5.98 -28.68 -4.64
N ASP A 382 5.02 -29.04 -5.50
CA ASP A 382 3.83 -29.72 -5.00
C ASP A 382 4.19 -31.05 -4.34
N LEU A 383 5.15 -31.77 -4.91
CA LEU A 383 5.56 -33.02 -4.29
C LEU A 383 6.09 -32.80 -2.88
N ALA A 384 6.87 -31.72 -2.68
CA ALA A 384 7.42 -31.44 -1.36
C ALA A 384 6.33 -31.06 -0.38
N ALA A 385 5.38 -30.23 -0.80
CA ALA A 385 4.22 -29.92 0.03
C ALA A 385 3.46 -31.19 0.42
N GLU A 386 3.31 -32.11 -0.53
CA GLU A 386 2.67 -33.39 -0.23
C GLU A 386 3.40 -34.11 0.89
N ALA A 387 4.73 -34.20 0.80
CA ALA A 387 5.51 -34.85 1.85
C ALA A 387 5.28 -34.19 3.20
N VAL A 388 5.13 -32.85 3.21
CA VAL A 388 4.83 -32.16 4.47
C VAL A 388 3.48 -32.63 5.02
N VAL A 389 2.51 -32.80 4.14
CA VAL A 389 1.18 -33.19 4.59
C VAL A 389 1.16 -34.64 5.04
N LEU A 390 1.92 -35.50 4.37
CA LEU A 390 2.15 -36.86 4.87
C LEU A 390 2.63 -36.86 6.31
N HIS A 391 3.75 -36.18 6.57
N HIS A 391 3.72 -36.14 6.58
CA HIS A 391 4.40 -36.27 7.87
CA HIS A 391 4.39 -36.28 7.87
C HIS A 391 3.52 -35.69 8.98
C HIS A 391 3.65 -35.59 9.01
N TYR A 392 2.83 -34.59 8.71
CA TYR A 392 2.14 -33.85 9.75
C TYR A 392 0.64 -34.13 9.82
N THR A 393 0.13 -35.13 9.11
CA THR A 393 -1.25 -35.57 9.28
C THR A 393 -1.30 -36.75 10.22
N ASP A 394 -2.25 -36.72 11.15
CA ASP A 394 -2.63 -37.93 11.89
C ASP A 394 -3.66 -38.69 11.06
N TRP A 395 -3.22 -39.77 10.42
CA TRP A 395 -4.09 -40.51 9.51
C TRP A 395 -5.15 -41.32 10.23
N LEU A 396 -5.08 -41.41 11.55
CA LEU A 396 -6.21 -41.86 12.34
C LEU A 396 -7.22 -40.74 12.64
N HIS A 397 -6.86 -39.46 12.41
CA HIS A 397 -7.68 -38.30 12.73
C HIS A 397 -7.49 -37.18 11.72
N PRO A 398 -7.57 -37.48 10.41
CA PRO A 398 -7.09 -36.51 9.41
C PRO A 398 -7.88 -35.22 9.34
N GLU A 399 -8.95 -35.04 10.13
CA GLU A 399 -9.78 -33.86 9.99
C GLU A 399 -10.07 -33.16 11.31
N ASP A 400 -9.49 -33.63 12.40
CA ASP A 400 -9.73 -33.07 13.72
C ASP A 400 -9.16 -31.65 13.79
N PRO A 401 -9.99 -30.62 14.00
CA PRO A 401 -9.49 -29.25 13.85
C PRO A 401 -8.43 -28.86 14.87
N ALA A 402 -8.58 -29.29 16.13
CA ALA A 402 -7.57 -28.97 17.11
C ALA A 402 -6.24 -29.64 16.75
N ARG A 403 -6.28 -30.89 16.28
CA ARG A 403 -5.05 -31.55 15.84
C ARG A 403 -4.43 -30.83 14.65
N LEU A 404 -5.25 -30.37 13.71
CA LEU A 404 -4.76 -29.69 12.50
C LEU A 404 -4.18 -28.31 12.80
N ARG A 405 -4.80 -27.59 13.76
CA ARG A 405 -4.23 -26.33 14.21
C ARG A 405 -2.85 -26.55 14.82
N GLU A 406 -2.71 -27.57 15.68
CA GLU A 406 -1.39 -27.87 16.24
C GLU A 406 -0.42 -28.27 15.13
N ALA A 407 -0.87 -29.14 14.23
CA ALA A 407 0.03 -29.65 13.19
C ALA A 407 0.59 -28.51 12.37
N LEU A 408 -0.28 -27.58 11.95
CA LEU A 408 0.18 -26.50 11.09
C LEU A 408 1.14 -25.58 11.85
N SER A 409 0.86 -25.35 13.13
CA SER A 409 1.80 -24.64 13.99
C SER A 409 3.15 -25.34 13.98
N ASP A 410 3.15 -26.66 14.17
CA ASP A 410 4.40 -27.41 14.17
C ASP A 410 5.09 -27.37 12.80
N VAL A 411 4.33 -27.38 11.71
CA VAL A 411 4.94 -27.24 10.38
C VAL A 411 5.73 -25.93 10.30
N VAL A 412 5.09 -24.82 10.68
CA VAL A 412 5.76 -23.53 10.54
C VAL A 412 6.93 -23.40 11.52
N GLY A 413 6.74 -23.87 12.75
CA GLY A 413 7.81 -23.80 13.73
C GLY A 413 9.00 -24.67 13.39
N ASP A 414 8.74 -25.91 12.97
CA ASP A 414 9.84 -26.83 12.65
C ASP A 414 10.58 -26.40 11.40
N HIS A 415 9.85 -25.98 10.37
CA HIS A 415 10.48 -25.64 9.11
C HIS A 415 11.41 -24.43 9.27
N ASN A 416 11.00 -23.45 10.08
CA ASN A 416 11.71 -22.18 10.14
C ASN A 416 12.63 -22.03 11.34
N VAL A 417 12.34 -22.67 12.47
CA VAL A 417 13.17 -22.42 13.64
C VAL A 417 13.74 -23.69 14.27
N VAL A 418 12.88 -24.59 14.72
CA VAL A 418 13.38 -25.74 15.49
C VAL A 418 14.36 -26.57 14.66
N CYS A 419 14.02 -26.87 13.43
CA CYS A 419 14.93 -27.78 12.74
C CYS A 419 16.18 -27.08 12.21
N PRO A 420 16.08 -25.84 11.69
CA PRO A 420 17.33 -25.09 11.47
C PRO A 420 18.21 -25.05 12.71
N VAL A 421 17.64 -24.83 13.90
CA VAL A 421 18.46 -24.74 15.10
C VAL A 421 19.03 -26.11 15.44
N ALA A 422 18.22 -27.16 15.35
CA ALA A 422 18.74 -28.50 15.60
C ALA A 422 19.91 -28.84 14.70
N GLN A 423 19.83 -28.48 13.41
CA GLN A 423 20.95 -28.75 12.51
C GLN A 423 22.20 -28.00 12.96
N LEU A 424 22.06 -26.70 13.22
CA LEU A 424 23.20 -25.93 13.68
C LEU A 424 23.84 -26.58 14.91
N ALA A 425 23.01 -26.97 15.89
CA ALA A 425 23.53 -27.54 17.13
C ALA A 425 24.32 -28.81 16.85
N GLY A 426 23.71 -29.75 16.14
CA GLY A 426 24.34 -31.03 15.89
C GLY A 426 25.64 -30.94 15.13
N ARG A 427 25.72 -30.03 14.16
CA ARG A 427 26.99 -29.92 13.45
C ARG A 427 28.02 -29.21 14.30
N LEU A 428 27.65 -28.12 14.95
CA LEU A 428 28.64 -27.45 15.81
C LEU A 428 29.17 -28.40 16.86
N ALA A 429 28.30 -29.18 17.50
CA ALA A 429 28.74 -30.12 18.52
C ALA A 429 29.72 -31.15 17.95
N ALA A 430 29.33 -31.78 16.84
CA ALA A 430 30.13 -32.79 16.17
C ALA A 430 31.37 -32.23 15.48
N GLN A 431 31.60 -30.92 15.53
CA GLN A 431 32.77 -30.35 14.88
C GLN A 431 33.53 -29.46 15.85
N GLY A 432 33.46 -29.80 17.13
CA GLY A 432 34.37 -29.28 18.13
C GLY A 432 33.79 -28.24 19.04
N ALA A 433 32.52 -27.87 18.87
CA ALA A 433 31.94 -26.84 19.72
C ALA A 433 31.33 -27.51 20.94
N ARG A 434 31.35 -26.79 22.06
CA ARG A 434 30.59 -27.22 23.23
C ARG A 434 29.26 -26.49 23.23
N VAL A 435 28.17 -27.25 23.13
CA VAL A 435 26.86 -26.68 22.87
C VAL A 435 25.95 -26.99 24.04
N TYR A 436 25.17 -26.00 24.49
CA TYR A 436 24.10 -26.23 25.45
C TYR A 436 22.77 -25.87 24.81
N ALA A 437 21.76 -26.73 24.98
CA ALA A 437 20.46 -26.56 24.33
C ALA A 437 19.32 -26.56 25.35
N TYR A 438 18.31 -25.72 25.09
CA TYR A 438 17.17 -25.59 25.99
C TYR A 438 15.89 -25.53 25.17
N VAL A 439 14.80 -25.94 25.80
CA VAL A 439 13.46 -25.58 25.33
C VAL A 439 12.81 -24.73 26.41
N PHE A 440 12.27 -23.58 26.04
CA PHE A 440 11.64 -22.67 26.98
C PHE A 440 10.15 -22.99 27.02
N GLU A 441 9.66 -23.48 28.16
CA GLU A 441 8.32 -24.02 28.23
C GLU A 441 7.40 -23.28 29.17
N HIS A 442 7.77 -22.08 29.61
CA HIS A 442 6.93 -21.31 30.50
C HIS A 442 6.11 -20.27 29.73
N ARG A 443 4.80 -20.32 29.88
CA ARG A 443 3.90 -19.29 29.36
C ARG A 443 3.78 -18.18 30.40
N ALA A 444 4.08 -16.95 30.00
CA ALA A 444 4.08 -15.84 30.94
C ALA A 444 2.66 -15.55 31.42
N SER A 445 2.50 -15.42 32.74
CA SER A 445 1.19 -15.09 33.30
C SER A 445 0.61 -13.81 32.69
N THR A 446 1.47 -12.92 32.22
CA THR A 446 1.06 -11.64 31.67
C THR A 446 0.81 -11.69 30.16
N LEU A 447 0.84 -12.88 29.56
CA LEU A 447 0.77 -12.98 28.11
C LEU A 447 -0.64 -12.68 27.62
N SER A 448 -0.74 -11.73 26.68
CA SER A 448 -2.03 -11.32 26.13
C SER A 448 -2.52 -12.12 24.92
N TRP A 449 -1.65 -12.89 24.24
CA TRP A 449 -2.09 -13.73 23.14
C TRP A 449 -2.92 -14.91 23.66
N PRO A 450 -3.75 -15.50 22.80
CA PRO A 450 -4.66 -16.55 23.27
C PRO A 450 -3.91 -17.77 23.75
N LEU A 451 -4.62 -18.61 24.50
CA LEU A 451 -4.00 -19.76 25.12
C LEU A 451 -3.57 -20.81 24.09
N TRP A 452 -4.25 -20.88 22.94
CA TRP A 452 -3.89 -21.91 21.96
C TRP A 452 -2.54 -21.65 21.33
N MET A 453 -2.02 -20.42 21.45
CA MET A 453 -0.69 -20.16 20.92
C MET A 453 0.43 -20.70 21.82
N GLY A 454 0.15 -21.07 23.06
CA GLY A 454 1.16 -21.72 23.88
C GLY A 454 2.21 -20.73 24.36
N VAL A 455 3.47 -21.12 24.23
CA VAL A 455 4.62 -20.23 24.48
C VAL A 455 5.12 -19.72 23.12
N PRO A 456 4.72 -18.54 22.66
CA PRO A 456 4.97 -18.16 21.26
C PRO A 456 6.37 -17.61 21.06
N HIS A 457 6.73 -17.48 19.78
CA HIS A 457 8.02 -16.92 19.38
C HIS A 457 8.26 -15.58 20.05
N GLY A 458 9.39 -15.47 20.77
CA GLY A 458 9.84 -14.22 21.34
C GLY A 458 9.56 -14.04 22.83
N TYR A 459 8.64 -14.83 23.40
CA TYR A 459 8.18 -14.55 24.75
C TYR A 459 9.04 -15.19 25.84
N GLU A 460 10.30 -15.52 25.52
CA GLU A 460 11.28 -15.83 26.55
C GLU A 460 12.21 -14.67 26.85
N ILE A 461 12.34 -13.73 25.91
CA ILE A 461 13.28 -12.63 26.06
C ILE A 461 13.03 -11.87 27.36
N GLU A 462 11.76 -11.62 27.70
CA GLU A 462 11.46 -10.82 28.88
C GLU A 462 11.92 -11.50 30.17
N PHE A 463 12.03 -12.82 30.18
CA PHE A 463 12.61 -13.47 31.34
C PHE A 463 14.13 -13.38 31.31
N ILE A 464 14.74 -13.49 30.13
CA ILE A 464 16.19 -13.40 30.02
C ILE A 464 16.69 -12.04 30.50
N PHE A 465 15.94 -10.97 30.22
CA PHE A 465 16.32 -9.62 30.64
C PHE A 465 15.81 -9.25 32.01
N GLY A 466 15.18 -10.19 32.73
CA GLY A 466 14.75 -9.95 34.10
C GLY A 466 13.60 -8.98 34.28
N ILE A 467 12.79 -8.74 33.24
CA ILE A 467 11.67 -7.81 33.30
C ILE A 467 10.70 -8.15 34.44
N PRO A 468 10.43 -9.44 34.73
CA PRO A 468 9.58 -9.75 35.90
C PRO A 468 9.97 -9.05 37.19
N LEU A 469 11.23 -8.67 37.34
CA LEU A 469 11.67 -7.96 38.54
C LEU A 469 11.15 -6.53 38.60
N ASP A 470 10.71 -5.96 37.47
CA ASP A 470 10.08 -4.64 37.49
C ASP A 470 8.80 -4.72 38.28
N PRO A 471 8.65 -3.96 39.38
CA PRO A 471 7.42 -4.09 40.18
C PRO A 471 6.22 -3.48 39.49
N SER A 472 6.43 -2.49 38.61
CA SER A 472 5.38 -1.94 37.76
C SER A 472 4.58 -2.98 36.98
N ARG A 473 5.05 -4.21 36.90
CA ARG A 473 4.40 -5.22 36.08
C ARG A 473 3.86 -6.32 36.98
N ASN A 474 3.00 -7.14 36.41
CA ASN A 474 2.14 -8.00 37.22
C ASN A 474 2.64 -9.44 37.24
N TYR A 475 3.94 -9.63 37.30
CA TYR A 475 4.48 -10.99 37.32
C TYR A 475 4.43 -11.58 38.73
N THR A 476 4.28 -12.89 38.78
CA THR A 476 4.16 -13.61 40.04
C THR A 476 5.49 -13.65 40.77
N ALA A 477 5.44 -14.17 42.01
CA ALA A 477 6.65 -14.36 42.80
C ALA A 477 7.54 -15.44 42.19
N GLU A 478 6.94 -16.54 41.75
CA GLU A 478 7.70 -17.64 41.17
C GLU A 478 8.31 -17.24 39.82
N GLU A 479 7.66 -16.33 39.09
CA GLU A 479 8.21 -15.85 37.84
C GLU A 479 9.46 -15.00 38.05
N LYS A 480 9.49 -14.19 39.13
CA LYS A 480 10.68 -13.40 39.42
C LYS A 480 11.86 -14.30 39.76
N ILE A 481 11.57 -15.40 40.45
CA ILE A 481 12.61 -16.37 40.79
C ILE A 481 13.08 -17.10 39.54
N PHE A 482 12.14 -17.50 38.70
CA PHE A 482 12.46 -18.07 37.40
C PHE A 482 13.34 -17.11 36.61
N ALA A 483 12.94 -15.84 36.55
CA ALA A 483 13.75 -14.85 35.83
C ALA A 483 15.17 -14.79 36.40
N GLN A 484 15.30 -14.91 37.72
CA GLN A 484 16.63 -14.83 38.31
C GLN A 484 17.45 -16.06 37.97
N ARG A 485 16.83 -17.24 37.89
CA ARG A 485 17.56 -18.42 37.42
C ARG A 485 18.07 -18.24 36.00
N LEU A 486 17.22 -17.68 35.12
CA LEU A 486 17.60 -17.57 33.73
C LEU A 486 18.74 -16.58 33.56
N MET A 487 18.66 -15.43 34.26
CA MET A 487 19.72 -14.44 34.16
C MET A 487 21.02 -15.01 34.69
N ARG A 488 20.95 -15.95 35.63
CA ARG A 488 22.14 -16.59 36.18
C ARG A 488 22.75 -17.56 35.16
N TYR A 489 21.91 -18.39 34.53
CA TYR A 489 22.41 -19.27 33.46
C TYR A 489 23.13 -18.47 32.39
N TRP A 490 22.42 -17.49 31.81
CA TRP A 490 23.00 -16.66 30.74
C TRP A 490 24.31 -16.02 31.18
N ALA A 491 24.31 -15.35 32.34
CA ALA A 491 25.53 -14.68 32.76
C ALA A 491 26.65 -15.66 33.13
N ASN A 492 26.32 -16.84 33.68
CA ASN A 492 27.31 -17.90 33.84
C ASN A 492 27.94 -18.25 32.51
N PHE A 493 27.09 -18.48 31.49
CA PHE A 493 27.61 -18.80 30.17
C PHE A 493 28.49 -17.68 29.65
N ALA A 494 28.13 -16.44 29.96
CA ALA A 494 28.93 -15.30 29.54
C ALA A 494 30.31 -15.32 30.18
N ARG A 495 30.38 -15.69 31.47
CA ARG A 495 31.64 -15.65 32.19
C ARG A 495 32.52 -16.84 31.92
N THR A 496 31.94 -18.02 31.65
CA THR A 496 32.72 -19.25 31.62
C THR A 496 32.39 -20.20 30.47
N GLY A 497 31.48 -19.84 29.57
CA GLY A 497 31.09 -20.79 28.55
C GLY A 497 30.38 -22.00 29.08
N ASP A 498 29.83 -21.92 30.29
CA ASP A 498 29.07 -23.00 30.91
C ASP A 498 27.94 -22.40 31.72
N PRO A 499 26.67 -22.75 31.45
CA PRO A 499 25.57 -22.15 32.20
C PRO A 499 25.48 -22.66 33.64
N ASN A 500 26.13 -23.77 33.97
CA ASN A 500 25.97 -24.40 35.26
C ASN A 500 26.66 -23.64 36.39
N GLU A 501 26.11 -23.80 37.59
CA GLU A 501 26.61 -23.13 38.78
C GLU A 501 27.63 -24.02 39.49
N PRO A 502 28.87 -23.55 39.70
CA PRO A 502 29.92 -24.41 40.28
C PRO A 502 30.17 -24.19 41.79
N PRO A 508 20.45 -29.81 39.85
CA PRO A 508 20.60 -30.67 38.67
C PRO A 508 21.49 -30.01 37.60
N GLN A 509 22.18 -30.82 36.81
CA GLN A 509 23.16 -30.29 35.88
C GLN A 509 22.57 -30.18 34.48
N TRP A 510 23.04 -29.17 33.76
CA TRP A 510 22.64 -28.94 32.38
C TRP A 510 23.71 -29.58 31.49
N PRO A 511 23.43 -30.72 30.84
CA PRO A 511 24.47 -31.42 30.09
C PRO A 511 24.66 -30.76 28.73
N PRO A 512 25.85 -30.88 28.16
CA PRO A 512 26.06 -30.42 26.78
C PRO A 512 25.29 -31.25 25.76
N TYR A 513 24.86 -30.57 24.70
CA TYR A 513 24.19 -31.22 23.58
C TYR A 513 25.22 -31.83 22.65
N THR A 514 25.03 -33.10 22.33
CA THR A 514 25.88 -33.81 21.38
C THR A 514 25.03 -34.36 20.24
N ALA A 515 25.68 -34.60 19.10
CA ALA A 515 24.94 -35.14 17.97
C ALA A 515 24.38 -36.52 18.30
N GLY A 516 25.07 -37.30 19.15
CA GLY A 516 24.57 -38.58 19.62
C GLY A 516 23.44 -38.48 20.62
N ALA A 517 23.75 -38.11 21.87
CA ALA A 517 22.72 -38.14 22.91
C ALA A 517 21.63 -37.08 22.72
N GLN A 518 21.93 -35.98 22.01
CA GLN A 518 20.97 -34.90 21.73
C GLN A 518 20.24 -34.43 22.99
N GLN A 519 20.98 -34.20 24.06
CA GLN A 519 20.37 -33.82 25.33
C GLN A 519 20.18 -32.30 25.42
N TYR A 520 19.09 -31.91 26.04
CA TYR A 520 18.72 -30.52 26.23
C TYR A 520 17.90 -30.44 27.51
N VAL A 521 17.70 -29.22 28.02
CA VAL A 521 16.93 -29.06 29.24
C VAL A 521 15.66 -28.26 28.95
N SER A 522 14.64 -28.51 29.74
CA SER A 522 13.43 -27.71 29.71
C SER A 522 13.58 -26.59 30.72
N LEU A 523 13.34 -25.36 30.30
CA LEU A 523 13.35 -24.21 31.20
C LEU A 523 11.91 -23.84 31.53
N ASP A 524 11.51 -24.04 32.78
CA ASP A 524 10.26 -23.49 33.28
C ASP A 524 10.38 -23.38 34.80
N LEU A 525 9.24 -23.23 35.49
CA LEU A 525 9.25 -23.04 36.93
C LEU A 525 9.73 -24.29 37.68
N ARG A 526 9.77 -25.42 37.03
CA ARG A 526 10.27 -26.60 37.68
C ARG A 526 11.79 -26.60 37.60
N PRO A 527 12.47 -27.38 38.44
CA PRO A 527 13.91 -27.55 38.26
C PRO A 527 14.23 -28.07 36.87
N LEU A 528 15.51 -27.96 36.49
CA LEU A 528 15.89 -28.45 35.16
C LEU A 528 15.49 -29.90 35.01
N GLU A 529 15.08 -30.25 33.81
CA GLU A 529 14.80 -31.61 33.42
C GLU A 529 15.48 -31.87 32.09
N VAL A 530 16.33 -32.90 32.04
CA VAL A 530 17.05 -33.25 30.82
C VAL A 530 16.18 -34.11 29.92
N ARG A 531 16.19 -33.80 28.62
CA ARG A 531 15.46 -34.59 27.63
C ARG A 531 16.39 -34.87 26.47
N ARG A 532 15.89 -35.67 25.52
CA ARG A 532 16.69 -36.14 24.39
C ARG A 532 15.97 -35.80 23.09
N GLY A 533 16.70 -35.18 22.16
CA GLY A 533 16.19 -34.96 20.82
C GLY A 533 15.29 -33.76 20.67
N LEU A 534 15.77 -32.75 19.96
CA LEU A 534 14.98 -31.57 19.57
C LEU A 534 14.15 -31.99 18.36
N ARG A 535 12.97 -32.53 18.63
N ARG A 535 12.96 -32.52 18.61
CA ARG A 535 12.05 -32.99 17.57
CA ARG A 535 12.06 -32.96 17.55
C ARG A 535 12.83 -33.79 16.52
C ARG A 535 12.82 -33.79 16.51
N ALA A 536 13.45 -34.86 17.00
CA ALA A 536 14.40 -35.62 16.18
C ALA A 536 13.75 -36.22 14.93
N GLN A 537 12.51 -36.72 15.06
CA GLN A 537 11.84 -37.31 13.90
C GLN A 537 11.45 -36.26 12.88
N ALA A 538 10.79 -35.18 13.32
CA ALA A 538 10.43 -34.12 12.39
C ALA A 538 11.68 -33.52 11.74
N CYS A 539 12.78 -33.43 12.49
CA CYS A 539 13.91 -32.75 11.87
C CYS A 539 14.67 -33.65 10.90
N ALA A 540 14.47 -34.97 10.96
CA ALA A 540 15.06 -35.82 9.92
C ALA A 540 14.43 -35.52 8.58
N PHE A 541 13.15 -35.14 8.59
CA PHE A 541 12.44 -34.84 7.36
C PHE A 541 12.96 -33.53 6.77
N TRP A 542 12.84 -32.44 7.53
CA TRP A 542 13.28 -31.12 7.04
C TRP A 542 14.77 -31.09 6.74
N ASN A 543 15.60 -31.69 7.60
CA ASN A 543 17.04 -31.50 7.47
C ASN A 543 17.72 -32.56 6.60
N ARG A 544 17.28 -33.83 6.64
CA ARG A 544 17.85 -34.87 5.80
C ARG A 544 17.09 -35.10 4.50
N PHE A 545 15.79 -35.43 4.58
CA PHE A 545 15.08 -35.92 3.39
C PHE A 545 14.69 -34.80 2.43
N LEU A 546 14.12 -33.70 2.95
CA LEU A 546 13.59 -32.67 2.06
C LEU A 546 14.62 -32.03 1.13
N PRO A 547 15.88 -31.79 1.55
CA PRO A 547 16.86 -31.32 0.57
C PRO A 547 17.00 -32.28 -0.62
N LYS A 548 17.13 -33.59 -0.35
CA LYS A 548 17.28 -34.57 -1.43
C LYS A 548 16.10 -34.51 -2.40
N LEU A 549 14.90 -34.29 -1.88
CA LEU A 549 13.72 -34.22 -2.74
C LEU A 549 13.78 -33.02 -3.66
N LEU A 550 14.19 -31.87 -3.12
CA LEU A 550 14.23 -30.64 -3.91
C LEU A 550 15.33 -30.66 -4.97
N SER A 551 16.39 -31.43 -4.78
CA SER A 551 17.43 -31.54 -5.82
C SER A 551 17.13 -32.63 -6.86
N ALA A 552 15.94 -33.25 -6.84
CA ALA A 552 15.55 -34.25 -7.86
C ALA A 552 14.08 -34.09 -8.29
N GLU B 14 -38.15 41.66 -2.61
CA GLU B 14 -37.28 40.50 -2.26
C GLU B 14 -38.08 39.20 -2.38
N ASP B 15 -37.87 38.46 -3.47
CA ASP B 15 -38.58 37.18 -3.69
C ASP B 15 -38.09 36.17 -2.66
N ALA B 16 -39.01 35.50 -1.97
CA ALA B 16 -38.60 34.59 -0.89
C ALA B 16 -38.36 33.20 -1.46
N GLU B 17 -38.68 32.99 -2.73
CA GLU B 17 -38.39 31.70 -3.38
C GLU B 17 -36.92 31.73 -3.77
N LEU B 18 -36.30 32.91 -3.69
CA LEU B 18 -34.89 33.08 -4.08
C LEU B 18 -34.06 33.34 -2.83
N LEU B 19 -34.65 33.17 -1.65
CA LEU B 19 -33.94 33.32 -0.39
C LEU B 19 -33.96 31.98 0.32
N VAL B 20 -32.79 31.46 0.64
CA VAL B 20 -32.60 30.18 1.30
C VAL B 20 -31.53 30.39 2.34
N THR B 21 -31.68 29.73 3.47
CA THR B 21 -30.59 29.68 4.43
C THR B 21 -30.13 28.23 4.55
N VAL B 22 -28.83 28.02 4.57
CA VAL B 22 -28.22 26.71 4.71
C VAL B 22 -27.39 26.83 5.97
N ARG B 23 -26.65 25.77 6.33
CA ARG B 23 -25.95 25.81 7.62
C ARG B 23 -24.87 26.87 7.71
N GLY B 24 -24.39 27.39 6.59
CA GLY B 24 -23.31 28.34 6.64
C GLY B 24 -23.77 29.77 6.76
N GLY B 25 -24.99 30.05 6.29
CA GLY B 25 -25.48 31.40 6.20
C GLY B 25 -26.64 31.49 5.22
N ARG B 26 -26.92 32.71 4.77
CA ARG B 26 -28.06 32.96 3.90
C ARG B 26 -27.59 33.12 2.46
N LEU B 27 -28.44 32.69 1.51
CA LEU B 27 -28.15 32.76 0.08
C LEU B 27 -29.29 33.45 -0.66
N ARG B 28 -28.91 34.34 -1.58
CA ARG B 28 -29.81 34.90 -2.57
C ARG B 28 -29.57 34.20 -3.89
N GLY B 29 -30.64 33.71 -4.51
CA GLY B 29 -30.52 33.09 -5.81
C GLY B 29 -31.04 33.97 -6.92
N ILE B 30 -31.65 33.34 -7.93
CA ILE B 30 -32.09 34.02 -9.13
C ILE B 30 -33.11 33.11 -9.81
N ARG B 31 -34.10 33.68 -10.49
CA ARG B 31 -35.04 32.86 -11.23
C ARG B 31 -34.72 32.97 -12.71
N LEU B 32 -34.57 31.82 -13.37
CA LEU B 32 -34.24 31.72 -14.77
C LEU B 32 -35.48 31.43 -15.59
N LYS B 33 -35.48 31.94 -16.81
CA LYS B 33 -36.53 31.63 -17.76
C LYS B 33 -36.17 30.34 -18.51
N THR B 34 -37.14 29.47 -18.67
CA THR B 34 -36.97 28.38 -19.61
C THR B 34 -38.16 28.48 -20.54
N PRO B 35 -38.09 27.88 -21.72
CA PRO B 35 -39.29 27.77 -22.55
C PRO B 35 -40.55 27.41 -21.77
N GLY B 36 -40.45 26.48 -20.83
CA GLY B 36 -41.61 25.97 -20.13
C GLY B 36 -41.97 26.64 -18.84
N GLY B 37 -41.22 27.63 -18.40
CA GLY B 37 -41.55 28.32 -17.16
C GLY B 37 -40.31 28.62 -16.35
N PRO B 38 -40.51 29.12 -15.14
CA PRO B 38 -39.38 29.61 -14.35
C PRO B 38 -38.75 28.52 -13.48
N VAL B 39 -37.49 28.79 -13.14
CA VAL B 39 -36.66 27.87 -12.37
C VAL B 39 -35.86 28.73 -11.39
N SER B 40 -35.77 28.29 -10.15
CA SER B 40 -34.92 28.97 -9.18
C SER B 40 -33.52 28.39 -9.31
N ALA B 41 -32.51 29.27 -9.35
CA ALA B 41 -31.14 28.83 -9.52
C ALA B 41 -30.27 29.49 -8.46
N PHE B 42 -29.49 28.68 -7.77
CA PHE B 42 -28.52 29.15 -6.78
C PHE B 42 -27.15 28.74 -7.30
N LEU B 43 -26.50 29.68 -7.98
CA LEU B 43 -25.26 29.44 -8.70
C LEU B 43 -24.09 30.05 -7.94
N GLY B 44 -23.04 29.27 -7.71
CA GLY B 44 -21.88 29.77 -7.02
C GLY B 44 -21.97 29.78 -5.50
N ILE B 45 -22.53 28.74 -4.90
CA ILE B 45 -22.54 28.57 -3.44
C ILE B 45 -21.19 28.07 -2.95
N PRO B 46 -20.49 28.81 -2.09
CA PRO B 46 -19.23 28.29 -1.53
C PRO B 46 -19.45 27.09 -0.62
N PHE B 47 -18.76 25.98 -0.93
CA PHE B 47 -18.84 24.82 -0.05
C PHE B 47 -17.50 24.44 0.55
N ALA B 48 -16.42 25.11 0.17
CA ALA B 48 -15.12 24.85 0.76
C ALA B 48 -14.34 26.15 0.91
N GLU B 49 -13.45 26.19 1.89
CA GLU B 49 -12.47 27.26 1.96
C GLU B 49 -11.59 27.25 0.70
N PRO B 50 -11.33 28.40 0.09
CA PRO B 50 -10.52 28.42 -1.15
C PRO B 50 -9.20 27.70 -0.99
N PRO B 51 -8.97 26.65 -1.75
CA PRO B 51 -7.73 25.82 -1.66
C PRO B 51 -6.53 26.49 -2.31
N MET B 52 -6.10 27.60 -1.72
CA MET B 52 -5.02 28.39 -2.29
C MET B 52 -3.88 28.54 -1.30
N GLY B 53 -2.76 29.03 -1.83
CA GLY B 53 -1.56 29.21 -1.05
C GLY B 53 -1.13 27.93 -0.36
N PRO B 54 -1.10 27.98 0.97
CA PRO B 54 -0.76 26.78 1.76
C PRO B 54 -1.78 25.65 1.66
N ARG B 55 -3.01 25.93 1.21
CA ARG B 55 -4.00 24.88 1.01
C ARG B 55 -3.93 24.23 -0.37
N ARG B 56 -3.05 24.70 -1.26
CA ARG B 56 -2.88 24.04 -2.53
C ARG B 56 -2.41 22.60 -2.29
N PHE B 57 -3.10 21.64 -2.91
CA PHE B 57 -2.85 20.20 -2.82
C PHE B 57 -3.45 19.55 -1.57
N LEU B 58 -4.07 20.29 -0.66
CA LEU B 58 -4.57 19.62 0.54
C LEU B 58 -6.05 19.30 0.43
N PRO B 59 -6.56 18.39 1.25
CA PRO B 59 -7.99 18.10 1.22
C PRO B 59 -8.79 19.36 1.46
N PRO B 60 -10.00 19.45 0.92
CA PRO B 60 -10.79 20.65 1.12
C PRO B 60 -11.27 20.76 2.56
N GLU B 61 -11.20 21.99 3.10
CA GLU B 61 -11.79 22.24 4.41
C GLU B 61 -13.17 22.87 4.21
N PRO B 62 -14.15 22.46 5.01
CA PRO B 62 -15.52 22.99 4.85
C PRO B 62 -15.60 24.51 4.94
N LYS B 63 -16.52 25.09 4.15
CA LYS B 63 -16.66 26.55 4.14
C LYS B 63 -17.11 27.05 5.51
N GLN B 64 -16.30 27.92 6.10
N GLN B 64 -16.30 27.92 6.10
CA GLN B 64 -16.63 28.49 7.40
CA GLN B 64 -16.64 28.48 7.40
C GLN B 64 -17.88 29.36 7.26
C GLN B 64 -17.87 29.37 7.27
N PRO B 65 -18.74 29.40 8.27
CA PRO B 65 -20.01 30.14 8.15
C PRO B 65 -19.80 31.63 7.96
N TRP B 66 -20.80 32.27 7.35
CA TRP B 66 -20.72 33.68 6.95
C TRP B 66 -21.92 34.47 7.47
N SER B 67 -21.73 35.80 7.51
CA SER B 67 -22.75 36.78 7.84
C SER B 67 -23.35 37.42 6.60
N GLY B 68 -24.57 37.90 6.75
CA GLY B 68 -25.22 38.52 5.62
C GLY B 68 -25.66 37.46 4.62
N VAL B 69 -25.79 37.89 3.37
CA VAL B 69 -26.35 37.05 2.32
C VAL B 69 -25.32 36.92 1.22
N VAL B 70 -24.94 35.68 0.91
CA VAL B 70 -24.14 35.38 -0.27
C VAL B 70 -25.03 35.46 -1.51
N ASP B 71 -24.67 36.31 -2.47
CA ASP B 71 -25.33 36.30 -3.77
C ASP B 71 -24.87 35.08 -4.56
N ALA B 72 -25.77 34.10 -4.72
CA ALA B 72 -25.52 32.93 -5.55
C ALA B 72 -26.26 33.10 -6.88
N THR B 73 -25.70 33.98 -7.72
CA THR B 73 -26.44 34.49 -8.86
C THR B 73 -25.71 34.32 -10.18
N THR B 74 -24.51 33.75 -10.19
CA THR B 74 -23.81 33.40 -11.42
C THR B 74 -22.78 32.34 -11.09
N PHE B 75 -22.38 31.60 -12.12
CA PHE B 75 -21.34 30.59 -11.96
C PHE B 75 -20.05 31.26 -11.50
N GLN B 76 -19.32 30.58 -10.62
CA GLN B 76 -18.03 31.06 -10.14
C GLN B 76 -16.90 30.58 -11.05
N SER B 77 -15.65 30.76 -10.62
CA SER B 77 -14.55 30.56 -11.55
C SER B 77 -14.36 29.08 -11.91
N VAL B 78 -13.69 28.87 -13.03
CA VAL B 78 -13.31 27.50 -13.44
C VAL B 78 -11.99 27.16 -12.76
N CYS B 79 -11.90 26.01 -12.14
CA CYS B 79 -10.67 25.53 -11.57
C CYS B 79 -9.56 25.55 -12.59
N TYR B 80 -8.34 25.88 -12.19
CA TYR B 80 -7.21 25.96 -13.16
C TYR B 80 -7.07 24.66 -13.93
N GLN B 81 -6.93 24.79 -15.23
CA GLN B 81 -6.88 23.62 -16.10
C GLN B 81 -6.25 24.00 -17.41
N TYR B 82 -5.61 23.03 -18.02
CA TYR B 82 -5.18 23.21 -19.40
C TYR B 82 -6.39 23.62 -20.24
N VAL B 83 -6.15 24.46 -21.23
CA VAL B 83 -7.17 24.85 -22.18
C VAL B 83 -6.82 24.29 -23.55
N ASP B 84 -7.74 23.53 -24.12
CA ASP B 84 -7.51 22.87 -25.39
C ASP B 84 -7.33 23.89 -26.50
N THR B 85 -6.31 23.69 -27.34
CA THR B 85 -6.11 24.58 -28.48
C THR B 85 -5.87 23.80 -29.77
N LEU B 86 -6.47 22.62 -29.89
CA LEU B 86 -6.16 21.74 -31.01
C LEU B 86 -6.61 22.39 -32.31
N TYR B 87 -7.84 22.89 -32.33
CA TYR B 87 -8.42 23.57 -33.48
C TYR B 87 -9.02 24.87 -32.98
N PRO B 88 -8.20 25.91 -32.82
CA PRO B 88 -8.66 27.12 -32.11
C PRO B 88 -9.81 27.78 -32.86
N GLY B 89 -10.87 28.10 -32.11
CA GLY B 89 -12.04 28.73 -32.69
C GLY B 89 -13.10 27.79 -33.21
N PHE B 90 -12.76 26.52 -33.42
CA PHE B 90 -13.73 25.50 -33.80
C PHE B 90 -14.74 25.26 -32.67
N GLU B 91 -16.03 25.15 -33.00
CA GLU B 91 -17.00 24.91 -31.95
C GLU B 91 -16.74 23.58 -31.23
N GLY B 92 -16.41 22.54 -32.00
CA GLY B 92 -16.25 21.21 -31.42
C GLY B 92 -15.26 21.14 -30.26
N THR B 93 -14.16 21.90 -30.35
CA THR B 93 -13.21 21.91 -29.23
C THR B 93 -13.50 23.00 -28.23
N GLU B 94 -14.04 24.14 -28.69
CA GLU B 94 -14.26 25.29 -27.83
C GLU B 94 -15.39 25.05 -26.83
N MET B 95 -16.40 24.26 -27.19
CA MET B 95 -17.55 24.07 -26.32
C MET B 95 -17.18 23.42 -24.99
N TRP B 96 -15.99 22.84 -24.87
CA TRP B 96 -15.56 22.19 -23.64
C TRP B 96 -14.55 23.02 -22.88
N ASN B 97 -14.09 24.11 -23.44
CA ASN B 97 -13.10 24.96 -22.82
C ASN B 97 -13.76 25.87 -21.80
N PRO B 98 -13.00 26.41 -20.86
CA PRO B 98 -13.65 27.16 -19.77
C PRO B 98 -14.35 28.40 -20.29
N ASN B 99 -15.47 28.71 -19.67
CA ASN B 99 -16.28 29.89 -19.99
C ASN B 99 -16.44 30.79 -18.76
N ARG B 100 -15.46 30.75 -17.84
CA ARG B 100 -15.32 31.67 -16.73
C ARG B 100 -13.82 31.80 -16.49
N GLU B 101 -13.42 32.83 -15.74
CA GLU B 101 -11.99 33.01 -15.54
C GLU B 101 -11.41 31.81 -14.80
N LEU B 102 -10.16 31.48 -15.08
CA LEU B 102 -9.49 30.44 -14.31
C LEU B 102 -9.06 30.98 -12.95
N SER B 103 -9.24 30.17 -11.92
CA SER B 103 -8.75 30.53 -10.59
C SER B 103 -8.57 29.27 -9.76
N GLU B 104 -7.63 29.30 -8.82
CA GLU B 104 -7.59 28.26 -7.81
C GLU B 104 -8.75 28.37 -6.82
N ASP B 105 -9.35 29.55 -6.69
CA ASP B 105 -10.55 29.76 -5.87
C ASP B 105 -11.75 29.34 -6.72
N CYS B 106 -12.17 28.06 -6.60
CA CYS B 106 -13.15 27.52 -7.53
C CYS B 106 -14.13 26.52 -6.93
N LEU B 107 -14.14 26.34 -5.61
CA LEU B 107 -14.90 25.26 -4.98
C LEU B 107 -16.32 25.75 -4.64
N TYR B 108 -17.14 25.80 -5.69
CA TYR B 108 -18.51 26.29 -5.60
C TYR B 108 -19.42 25.26 -6.24
N LEU B 109 -20.62 25.11 -5.69
CA LEU B 109 -21.62 24.23 -6.27
C LEU B 109 -22.88 25.01 -6.64
N ASN B 110 -23.72 24.40 -7.46
CA ASN B 110 -24.94 25.02 -7.97
C ASN B 110 -26.15 24.17 -7.61
N VAL B 111 -27.27 24.83 -7.34
CA VAL B 111 -28.54 24.14 -7.16
C VAL B 111 -29.57 24.79 -8.07
N TRP B 112 -30.22 23.99 -8.93
CA TRP B 112 -31.44 24.37 -9.62
C TRP B 112 -32.60 23.63 -8.98
N THR B 113 -33.76 24.29 -8.88
CA THR B 113 -34.93 23.78 -8.16
C THR B 113 -36.16 24.37 -8.84
N PRO B 114 -37.34 23.71 -8.79
CA PRO B 114 -38.54 24.29 -9.35
C PRO B 114 -38.97 25.64 -8.77
N TYR B 115 -39.65 26.46 -9.57
CA TYR B 115 -40.22 27.73 -9.07
C TYR B 115 -41.72 27.58 -9.24
N PRO B 116 -42.49 27.52 -8.14
CA PRO B 116 -41.94 27.72 -6.82
C PRO B 116 -41.26 26.51 -6.16
N ARG B 117 -40.28 26.75 -5.28
CA ARG B 117 -39.67 25.69 -4.50
C ARG B 117 -40.73 24.65 -4.17
N PRO B 118 -40.44 23.36 -4.33
CA PRO B 118 -41.48 22.36 -4.08
C PRO B 118 -41.76 22.22 -2.60
N THR B 119 -42.96 21.73 -2.30
CA THR B 119 -43.42 21.52 -0.93
C THR B 119 -43.11 20.11 -0.43
N SER B 120 -43.38 19.11 -1.26
CA SER B 120 -42.97 17.75 -0.99
C SER B 120 -41.46 17.59 -1.22
N PRO B 121 -40.76 16.82 -0.40
CA PRO B 121 -39.35 16.55 -0.69
C PRO B 121 -39.17 15.89 -2.05
N THR B 122 -38.27 16.45 -2.87
CA THR B 122 -38.08 16.12 -4.27
C THR B 122 -36.78 15.34 -4.50
N PRO B 123 -36.80 14.28 -5.31
CA PRO B 123 -35.56 13.56 -5.60
C PRO B 123 -34.53 14.47 -6.27
N VAL B 124 -33.27 14.20 -5.98
CA VAL B 124 -32.14 15.07 -6.30
C VAL B 124 -31.19 14.34 -7.25
N LEU B 125 -30.86 14.99 -8.37
CA LEU B 125 -29.82 14.56 -9.29
C LEU B 125 -28.55 15.37 -9.06
N VAL B 126 -27.41 14.68 -8.89
CA VAL B 126 -26.12 15.36 -8.68
C VAL B 126 -25.18 15.06 -9.84
N TRP B 127 -24.78 16.09 -10.56
CA TRP B 127 -23.99 15.98 -11.78
C TRP B 127 -22.51 16.19 -11.52
N ILE B 128 -21.67 15.34 -12.12
CA ILE B 128 -20.21 15.44 -11.95
C ILE B 128 -19.59 15.48 -13.34
N TYR B 129 -19.00 16.62 -13.71
CA TYR B 129 -18.55 16.74 -15.09
C TYR B 129 -17.34 15.87 -15.36
N GLY B 130 -17.09 15.62 -16.66
CA GLY B 130 -15.92 14.93 -17.12
C GLY B 130 -14.87 15.89 -17.63
N GLY B 131 -13.93 15.36 -18.41
CA GLY B 131 -12.75 16.13 -18.77
C GLY B 131 -11.45 15.48 -18.33
N GLY B 132 -11.39 14.14 -18.35
CA GLY B 132 -10.16 13.41 -18.09
C GLY B 132 -9.46 13.72 -16.79
N PHE B 133 -10.15 14.29 -15.80
CA PHE B 133 -9.58 14.73 -14.52
C PHE B 133 -8.59 15.87 -14.67
N TYR B 134 -8.43 16.43 -15.88
CA TYR B 134 -7.54 17.56 -16.11
C TYR B 134 -8.26 18.85 -16.45
N SER B 135 -9.59 18.83 -16.56
CA SER B 135 -10.33 19.90 -17.20
C SER B 135 -11.81 19.69 -16.93
N GLY B 136 -12.60 20.71 -17.26
CA GLY B 136 -14.04 20.69 -17.06
C GLY B 136 -14.50 21.77 -16.11
N ALA B 137 -15.80 22.04 -16.07
CA ALA B 137 -16.39 23.01 -15.16
C ALA B 137 -17.90 22.83 -15.15
N SER B 138 -18.53 23.17 -14.01
CA SER B 138 -19.98 23.04 -13.92
C SER B 138 -20.72 24.13 -14.70
N SER B 139 -20.02 25.20 -15.11
CA SER B 139 -20.60 26.34 -15.81
C SER B 139 -20.73 26.17 -17.33
N LEU B 140 -20.27 25.05 -17.90
CA LEU B 140 -20.39 24.85 -19.33
C LEU B 140 -21.86 24.85 -19.77
N ASP B 141 -22.10 25.33 -20.99
CA ASP B 141 -23.48 25.48 -21.44
C ASP B 141 -24.18 24.13 -21.59
N VAL B 142 -23.47 23.10 -22.06
CA VAL B 142 -24.09 21.80 -22.19
C VAL B 142 -24.50 21.18 -20.88
N TYR B 143 -24.09 21.73 -19.73
CA TYR B 143 -24.50 21.20 -18.42
C TYR B 143 -25.54 22.09 -17.74
N ASP B 144 -26.25 22.91 -18.50
CA ASP B 144 -27.23 23.83 -17.93
C ASP B 144 -28.41 23.05 -17.36
N GLY B 145 -28.60 23.14 -16.05
CA GLY B 145 -29.60 22.32 -15.41
C GLY B 145 -31.01 22.84 -15.46
N ARG B 146 -31.26 23.97 -16.13
CA ARG B 146 -32.57 24.59 -16.04
C ARG B 146 -33.65 23.78 -16.78
N PHE B 147 -33.30 23.07 -17.85
CA PHE B 147 -34.29 22.31 -18.60
C PHE B 147 -34.72 21.03 -17.87
N LEU B 148 -33.77 20.25 -17.33
CA LEU B 148 -34.15 19.08 -16.54
C LEU B 148 -35.04 19.44 -15.38
N VAL B 149 -34.70 20.53 -14.68
CA VAL B 149 -35.47 20.90 -13.49
C VAL B 149 -36.86 21.32 -13.89
N GLN B 150 -36.98 22.13 -14.93
CA GLN B 150 -38.29 22.57 -15.39
C GLN B 150 -39.11 21.41 -15.93
N ALA B 151 -38.50 20.55 -16.75
CA ALA B 151 -39.24 19.48 -17.43
C ALA B 151 -39.63 18.34 -16.49
N GLU B 152 -38.88 18.09 -15.42
CA GLU B 152 -39.12 16.91 -14.60
C GLU B 152 -39.23 17.14 -13.11
N ARG B 153 -39.31 18.40 -12.65
CA ARG B 153 -39.55 18.68 -11.23
C ARG B 153 -38.53 17.98 -10.33
N THR B 154 -37.29 17.83 -10.78
CA THR B 154 -36.28 17.34 -9.85
C THR B 154 -35.48 18.52 -9.32
N VAL B 155 -34.70 18.26 -8.30
CA VAL B 155 -33.67 19.19 -7.86
C VAL B 155 -32.35 18.73 -8.49
N LEU B 156 -31.58 19.67 -9.00
CA LEU B 156 -30.32 19.36 -9.66
C LEU B 156 -29.19 20.09 -8.97
N VAL B 157 -28.12 19.37 -8.66
CA VAL B 157 -26.93 19.93 -8.05
C VAL B 157 -25.74 19.59 -8.94
N SER B 158 -24.81 20.51 -9.04
CA SER B 158 -23.54 20.24 -9.71
C SER B 158 -22.48 20.95 -8.89
N MET B 159 -21.27 20.41 -8.89
CA MET B 159 -20.18 21.04 -8.17
C MET B 159 -18.93 21.14 -9.06
N ASN B 160 -18.12 22.16 -8.78
CA ASN B 160 -16.77 22.17 -9.29
C ASN B 160 -15.86 21.37 -8.37
N TYR B 161 -14.85 20.74 -8.96
CA TYR B 161 -13.85 20.01 -8.19
C TYR B 161 -12.50 20.25 -8.85
N ARG B 162 -11.45 20.27 -8.04
CA ARG B 162 -10.12 20.56 -8.57
C ARG B 162 -9.73 19.48 -9.57
N VAL B 163 -8.97 19.88 -10.59
CA VAL B 163 -8.52 18.99 -11.63
C VAL B 163 -7.03 19.19 -11.85
N GLY B 164 -6.45 18.34 -12.70
CA GLY B 164 -5.04 18.40 -13.02
C GLY B 164 -4.18 18.26 -11.78
N ALA B 165 -3.01 18.91 -11.82
CA ALA B 165 -2.09 18.82 -10.68
C ALA B 165 -2.78 19.25 -9.40
N PHE B 166 -3.67 20.24 -9.48
CA PHE B 166 -4.23 20.80 -8.26
C PHE B 166 -5.21 19.87 -7.58
N GLY B 167 -5.74 18.87 -8.29
CA GLY B 167 -6.72 18.01 -7.68
C GLY B 167 -6.23 16.59 -7.51
N PHE B 168 -5.18 16.23 -8.26
CA PHE B 168 -4.79 14.83 -8.36
C PHE B 168 -3.28 14.58 -8.37
N LEU B 169 -2.46 15.60 -8.20
CA LEU B 169 -1.04 15.34 -7.97
C LEU B 169 -0.90 14.65 -6.62
N ALA B 170 -0.17 13.54 -6.60
CA ALA B 170 0.02 12.80 -5.37
C ALA B 170 1.50 12.50 -5.18
N LEU B 171 2.00 12.81 -4.00
CA LEU B 171 3.20 12.16 -3.47
C LEU B 171 2.68 11.19 -2.42
N PRO B 172 2.31 9.97 -2.79
CA PRO B 172 1.47 9.16 -1.91
C PRO B 172 2.21 8.85 -0.63
N GLY B 173 1.47 8.83 0.48
CA GLY B 173 2.04 8.69 1.81
C GLY B 173 2.31 10.01 2.50
N SER B 174 2.66 11.05 1.75
CA SER B 174 2.93 12.36 2.31
C SER B 174 1.64 13.01 2.82
N ARG B 175 1.81 14.07 3.61
CA ARG B 175 0.69 14.80 4.16
C ARG B 175 0.38 16.08 3.41
N GLU B 176 1.35 16.55 2.61
CA GLU B 176 1.25 17.81 1.87
C GLU B 176 0.77 17.63 0.43
N ALA B 177 0.78 16.41 -0.08
CA ALA B 177 0.23 16.11 -1.39
C ALA B 177 -0.33 14.69 -1.37
N PRO B 178 -1.34 14.43 -0.53
CA PRO B 178 -1.87 13.06 -0.39
C PRO B 178 -2.50 12.49 -1.65
N GLY B 179 -2.85 13.31 -2.63
CA GLY B 179 -3.59 12.86 -3.78
C GLY B 179 -5.08 12.72 -3.52
N ASN B 180 -5.81 12.59 -4.62
CA ASN B 180 -7.26 12.38 -4.65
C ASN B 180 -8.03 13.54 -4.04
N VAL B 181 -7.42 14.72 -3.92
CA VAL B 181 -8.14 15.82 -3.26
C VAL B 181 -9.33 16.27 -4.11
N GLY B 182 -9.22 16.17 -5.44
CA GLY B 182 -10.38 16.42 -6.29
C GLY B 182 -11.57 15.53 -5.99
N LEU B 183 -11.33 14.25 -5.72
CA LEU B 183 -12.42 13.37 -5.31
C LEU B 183 -12.97 13.80 -3.95
N LEU B 184 -12.09 14.26 -3.06
CA LEU B 184 -12.55 14.77 -1.77
C LEU B 184 -13.34 16.07 -1.91
N ASP B 185 -13.04 16.90 -2.92
CA ASP B 185 -13.92 18.02 -3.25
C ASP B 185 -15.32 17.52 -3.55
N GLN B 186 -15.41 16.50 -4.41
CA GLN B 186 -16.69 15.92 -4.76
C GLN B 186 -17.37 15.37 -3.53
N ARG B 187 -16.64 14.61 -2.70
CA ARG B 187 -17.25 14.04 -1.50
C ARG B 187 -17.79 15.14 -0.59
N LEU B 188 -17.04 16.24 -0.45
CA LEU B 188 -17.50 17.33 0.39
C LEU B 188 -18.79 17.96 -0.14
N ALA B 189 -18.89 18.08 -1.47
CA ALA B 189 -20.12 18.58 -2.04
C ALA B 189 -21.28 17.62 -1.77
N LEU B 190 -21.02 16.31 -1.86
CA LEU B 190 -22.09 15.35 -1.57
C LEU B 190 -22.54 15.41 -0.10
N GLN B 191 -21.62 15.71 0.83
CA GLN B 191 -22.04 15.96 2.21
C GLN B 191 -22.86 17.25 2.33
N TRP B 192 -22.50 18.28 1.59
CA TRP B 192 -23.31 19.52 1.59
C TRP B 192 -24.74 19.17 1.19
N VAL B 193 -24.90 18.31 0.20
CA VAL B 193 -26.25 17.97 -0.31
C VAL B 193 -27.05 17.25 0.79
N GLN B 194 -26.38 16.52 1.67
CA GLN B 194 -27.09 15.73 2.71
C GLN B 194 -27.54 16.62 3.85
N GLU B 195 -26.83 17.71 4.09
CA GLU B 195 -27.17 18.58 5.22
C GLU B 195 -27.91 19.83 4.75
N ASN B 196 -28.03 20.07 3.45
CA ASN B 196 -28.59 21.36 3.00
C ASN B 196 -29.58 21.30 1.84
N VAL B 197 -29.73 20.19 1.13
CA VAL B 197 -30.61 20.17 -0.08
C VAL B 197 -32.06 20.33 0.34
N ALA B 198 -32.37 19.93 1.56
CA ALA B 198 -33.76 20.00 2.05
C ALA B 198 -34.22 21.44 2.10
N ALA B 199 -33.31 22.37 2.36
CA ALA B 199 -33.69 23.78 2.36
C ALA B 199 -34.16 24.26 0.98
N PHE B 200 -33.86 23.51 -0.07
CA PHE B 200 -34.29 23.81 -1.43
C PHE B 200 -35.47 22.93 -1.86
N GLY B 201 -36.04 22.17 -0.93
CA GLY B 201 -37.06 21.19 -1.26
C GLY B 201 -36.51 19.86 -1.74
N GLY B 202 -35.21 19.69 -1.77
CA GLY B 202 -34.66 18.41 -2.10
C GLY B 202 -34.85 17.38 -1.01
N ASP B 203 -34.80 16.12 -1.45
CA ASP B 203 -34.95 14.97 -0.57
C ASP B 203 -33.57 14.31 -0.38
N PRO B 204 -32.95 14.43 0.79
CA PRO B 204 -31.61 13.87 0.96
C PRO B 204 -31.58 12.36 1.09
N THR B 205 -32.74 11.70 1.03
CA THR B 205 -32.81 10.24 1.02
C THR B 205 -33.11 9.67 -0.36
N SER B 206 -33.19 10.52 -1.40
CA SER B 206 -33.28 10.07 -2.81
C SER B 206 -32.29 10.93 -3.61
N VAL B 207 -31.03 10.47 -3.68
CA VAL B 207 -29.96 11.21 -4.35
C VAL B 207 -29.31 10.30 -5.38
N THR B 208 -29.29 10.72 -6.64
CA THR B 208 -28.76 9.94 -7.75
C THR B 208 -27.55 10.67 -8.31
N LEU B 209 -26.37 10.06 -8.23
CA LEU B 209 -25.19 10.62 -8.88
C LEU B 209 -25.24 10.31 -10.37
N PHE B 210 -24.81 11.26 -11.20
CA PHE B 210 -24.66 10.93 -12.61
C PHE B 210 -23.55 11.78 -13.19
N GLY B 211 -22.77 11.17 -14.07
CA GLY B 211 -21.58 11.79 -14.63
C GLY B 211 -21.22 11.14 -15.95
N GLU B 212 -20.22 11.72 -16.60
CA GLU B 212 -19.85 11.32 -17.94
C GLU B 212 -18.33 11.37 -18.05
N SER B 213 -17.75 10.42 -18.81
CA SER B 213 -16.29 10.31 -18.96
C SER B 213 -15.68 10.29 -17.56
N ALA B 214 -14.70 11.15 -17.24
CA ALA B 214 -14.11 11.17 -15.91
C ALA B 214 -15.15 11.41 -14.81
N GLY B 215 -16.29 12.03 -15.15
CA GLY B 215 -17.38 12.11 -14.19
C GLY B 215 -17.98 10.76 -13.88
N ALA B 216 -18.17 9.93 -14.92
CA ALA B 216 -18.70 8.58 -14.71
C ALA B 216 -17.73 7.73 -13.90
N ALA B 217 -16.44 7.87 -14.19
CA ALA B 217 -15.42 7.21 -13.38
C ALA B 217 -15.44 7.72 -11.92
N SER B 218 -15.61 9.02 -11.73
CA SER B 218 -15.78 9.54 -10.38
C SER B 218 -16.98 8.90 -9.68
N VAL B 219 -18.14 8.88 -10.36
CA VAL B 219 -19.32 8.24 -9.77
C VAL B 219 -18.97 6.83 -9.31
N GLY B 220 -18.28 6.07 -10.16
CA GLY B 220 -17.90 4.70 -9.81
C GLY B 220 -17.01 4.64 -8.58
N MET B 221 -16.02 5.53 -8.48
CA MET B 221 -15.17 5.49 -7.30
C MET B 221 -15.91 5.83 -6.02
N HIS B 222 -17.03 6.58 -6.10
CA HIS B 222 -17.85 6.81 -4.91
C HIS B 222 -18.65 5.58 -4.54
N LEU B 223 -19.08 4.79 -5.53
CA LEU B 223 -19.73 3.51 -5.23
C LEU B 223 -18.81 2.60 -4.44
N LEU B 224 -17.53 2.56 -4.82
CA LEU B 224 -16.53 1.65 -4.28
C LEU B 224 -15.77 2.23 -3.11
N SER B 225 -16.21 3.36 -2.55
CA SER B 225 -15.53 4.01 -1.44
C SER B 225 -16.55 4.22 -0.34
N PRO B 226 -16.49 3.45 0.74
CA PRO B 226 -17.59 3.43 1.74
C PRO B 226 -17.93 4.80 2.29
N PRO B 227 -16.95 5.67 2.66
CA PRO B 227 -17.33 7.01 3.14
C PRO B 227 -18.23 7.78 2.19
N SER B 228 -18.14 7.55 0.88
CA SER B 228 -19.00 8.20 -0.10
C SER B 228 -20.31 7.47 -0.32
N ARG B 229 -20.30 6.15 -0.12
CA ARG B 229 -21.44 5.31 -0.49
C ARG B 229 -22.68 5.68 0.32
N GLY B 230 -22.51 6.20 1.53
CA GLY B 230 -23.65 6.62 2.33
C GLY B 230 -24.31 7.91 1.88
N LEU B 231 -23.76 8.61 0.89
CA LEU B 231 -24.26 9.93 0.51
C LEU B 231 -25.20 9.90 -0.69
N PHE B 232 -25.46 8.72 -1.26
CA PHE B 232 -26.35 8.64 -2.42
C PHE B 232 -26.96 7.25 -2.49
N HIS B 233 -27.83 7.04 -3.48
CA HIS B 233 -28.65 5.83 -3.53
C HIS B 233 -28.67 5.15 -4.88
N ARG B 234 -28.37 5.87 -5.96
CA ARG B 234 -28.46 5.38 -7.32
C ARG B 234 -27.35 6.03 -8.12
N ALA B 235 -26.99 5.40 -9.23
CA ALA B 235 -25.86 5.90 -10.00
C ALA B 235 -26.18 5.82 -11.49
N VAL B 236 -25.70 6.81 -12.24
CA VAL B 236 -25.69 6.80 -13.69
C VAL B 236 -24.26 7.03 -14.16
N LEU B 237 -23.72 6.10 -14.94
CA LEU B 237 -22.36 6.18 -15.49
C LEU B 237 -22.45 6.22 -17.01
N GLN B 238 -22.20 7.38 -17.59
CA GLN B 238 -22.26 7.55 -19.03
C GLN B 238 -20.84 7.57 -19.60
N SER B 239 -20.51 6.58 -20.43
CA SER B 239 -19.28 6.61 -21.22
C SER B 239 -18.03 6.66 -20.32
N GLY B 240 -18.06 5.96 -19.19
CA GLY B 240 -16.90 5.97 -18.32
C GLY B 240 -17.15 5.01 -17.16
N ALA B 241 -16.04 4.57 -16.56
CA ALA B 241 -16.09 3.63 -15.45
C ALA B 241 -14.78 3.68 -14.71
N PRO B 242 -14.78 3.40 -13.39
CA PRO B 242 -13.56 3.55 -12.57
C PRO B 242 -12.48 2.52 -12.87
N ASN B 243 -12.86 1.35 -13.37
CA ASN B 243 -11.93 0.35 -13.88
C ASN B 243 -11.31 0.63 -15.25
N GLY B 244 -11.62 1.74 -15.93
CA GLY B 244 -10.93 2.05 -17.16
C GLY B 244 -9.42 2.27 -17.00
N PRO B 245 -8.63 1.93 -18.03
CA PRO B 245 -7.16 2.00 -17.93
C PRO B 245 -6.56 3.38 -17.76
N TRP B 246 -7.36 4.44 -17.78
CA TRP B 246 -6.89 5.81 -17.70
C TRP B 246 -7.34 6.52 -16.45
N ALA B 247 -8.30 5.94 -15.72
CA ALA B 247 -8.99 6.59 -14.60
C ALA B 247 -8.22 6.51 -13.29
N THR B 248 -7.28 5.58 -13.18
CA THR B 248 -6.46 5.49 -11.98
C THR B 248 -5.01 5.28 -12.39
N VAL B 249 -4.15 5.42 -11.39
CA VAL B 249 -2.74 5.22 -11.53
C VAL B 249 -2.26 4.65 -10.18
N GLY B 250 -1.21 3.83 -10.22
CA GLY B 250 -0.64 3.29 -9.00
C GLY B 250 0.24 4.30 -8.27
N MET B 251 0.55 3.98 -7.00
CA MET B 251 1.28 4.92 -6.15
C MET B 251 2.63 5.27 -6.75
N GLY B 252 3.33 4.28 -7.29
CA GLY B 252 4.64 4.54 -7.85
C GLY B 252 4.60 5.47 -9.05
N GLU B 253 3.69 5.21 -9.99
CA GLU B 253 3.66 6.05 -11.19
C GLU B 253 3.11 7.45 -10.85
N ALA B 254 2.28 7.56 -9.82
CA ALA B 254 1.85 8.87 -9.36
C ALA B 254 3.02 9.68 -8.82
N ARG B 255 3.86 9.04 -8.00
CA ARG B 255 5.03 9.73 -7.46
C ARG B 255 6.02 10.09 -8.57
N ARG B 256 6.20 9.22 -9.55
CA ARG B 256 7.12 9.53 -10.63
C ARG B 256 6.67 10.76 -11.40
N ARG B 257 5.39 10.82 -11.76
CA ARG B 257 4.86 11.96 -12.51
C ARG B 257 4.91 13.25 -11.68
N ALA B 258 4.57 13.17 -10.39
CA ALA B 258 4.69 14.34 -9.52
C ALA B 258 6.13 14.84 -9.50
N THR B 259 7.07 13.92 -9.25
CA THR B 259 8.49 14.28 -9.17
C THR B 259 9.01 14.84 -10.48
N GLN B 260 8.58 14.28 -11.63
CA GLN B 260 9.00 14.83 -12.90
C GLN B 260 8.39 16.20 -13.15
N LEU B 261 7.13 16.41 -12.76
CA LEU B 261 6.55 17.74 -12.86
C LEU B 261 7.37 18.73 -12.07
N ALA B 262 7.73 18.36 -10.83
CA ALA B 262 8.50 19.24 -9.98
C ALA B 262 9.86 19.58 -10.60
N HIS B 263 10.60 18.56 -11.07
CA HIS B 263 11.86 18.84 -11.75
C HIS B 263 11.66 19.79 -12.93
N LEU B 264 10.57 19.62 -13.68
CA LEU B 264 10.36 20.43 -14.87
C LEU B 264 10.14 21.90 -14.56
N VAL B 265 9.50 22.22 -13.42
CA VAL B 265 9.20 23.61 -13.08
C VAL B 265 10.23 24.19 -12.11
N GLY B 266 11.32 23.48 -11.87
CA GLY B 266 12.40 23.99 -11.04
C GLY B 266 12.41 23.56 -9.59
N CYS B 267 11.72 22.54 -9.22
CA CYS B 267 11.81 22.21 -7.80
C CYS B 267 12.71 20.99 -7.55
N PRO B 268 13.48 20.96 -6.44
CA PRO B 268 14.26 19.79 -6.04
C PRO B 268 13.47 18.48 -6.05
N ASN B 275 12.93 14.51 0.16
CA ASN B 275 12.07 15.16 1.17
C ASN B 275 10.77 15.69 0.54
N ASP B 276 9.63 15.13 0.96
CA ASP B 276 8.37 15.49 0.31
C ASP B 276 7.92 16.88 0.71
N THR B 277 8.05 17.22 2.00
CA THR B 277 7.66 18.52 2.52
C THR B 277 8.30 19.66 1.75
N GLU B 278 9.63 19.64 1.64
CA GLU B 278 10.33 20.67 0.88
C GLU B 278 9.81 20.74 -0.54
N LEU B 279 9.63 19.58 -1.18
CA LEU B 279 9.23 19.59 -2.58
C LEU B 279 7.84 20.19 -2.77
N VAL B 280 6.87 19.80 -1.94
CA VAL B 280 5.53 20.34 -2.12
C VAL B 280 5.53 21.82 -1.81
N ALA B 281 6.23 22.21 -0.75
CA ALA B 281 6.36 23.62 -0.42
C ALA B 281 6.91 24.41 -1.60
N CYS B 282 7.86 23.83 -2.34
CA CYS B 282 8.37 24.54 -3.51
C CYS B 282 7.30 24.65 -4.59
N LEU B 283 6.55 23.57 -4.84
CA LEU B 283 5.49 23.63 -5.85
C LEU B 283 4.46 24.68 -5.49
N ARG B 284 4.18 24.86 -4.20
CA ARG B 284 3.16 25.81 -3.77
C ARG B 284 3.52 27.25 -4.13
N THR B 285 4.77 27.53 -4.51
CA THR B 285 5.21 28.88 -4.87
C THR B 285 5.27 29.09 -6.37
N ARG B 286 4.75 28.16 -7.15
CA ARG B 286 4.77 28.32 -8.59
C ARG B 286 3.43 28.85 -9.05
N PRO B 287 3.40 29.85 -9.92
CA PRO B 287 2.14 30.28 -10.52
C PRO B 287 1.37 29.08 -11.09
N ALA B 288 0.08 29.00 -10.75
CA ALA B 288 -0.77 27.92 -11.24
C ALA B 288 -0.57 27.65 -12.71
N GLN B 289 -0.47 28.71 -13.51
CA GLN B 289 -0.29 28.54 -14.95
C GLN B 289 1.01 27.82 -15.28
N VAL B 290 2.03 27.92 -14.42
CA VAL B 290 3.30 27.27 -14.72
C VAL B 290 3.17 25.76 -14.62
N LEU B 291 2.52 25.29 -13.56
CA LEU B 291 2.24 23.86 -13.44
C LEU B 291 1.49 23.37 -14.68
N VAL B 292 0.37 24.01 -15.00
CA VAL B 292 -0.46 23.60 -16.15
C VAL B 292 0.37 23.49 -17.43
N ASN B 293 1.37 24.34 -17.60
CA ASN B 293 2.13 24.36 -18.85
C ASN B 293 3.02 23.16 -19.02
N HIS B 294 3.26 22.40 -17.96
CA HIS B 294 4.08 21.20 -18.04
C HIS B 294 3.27 19.94 -17.79
N GLU B 295 1.94 20.07 -17.65
CA GLU B 295 1.10 18.94 -17.32
C GLU B 295 1.33 17.77 -18.26
N TRP B 296 1.30 18.02 -19.57
CA TRP B 296 1.28 16.89 -20.51
C TRP B 296 2.65 16.26 -20.68
N HIS B 297 3.69 16.87 -20.13
CA HIS B 297 5.04 16.39 -20.32
C HIS B 297 5.43 15.24 -19.41
N VAL B 298 4.66 14.96 -18.35
CA VAL B 298 5.02 13.86 -17.46
C VAL B 298 4.42 12.53 -17.92
N LEU B 299 3.72 12.50 -19.04
CA LEU B 299 3.16 11.23 -19.51
C LEU B 299 4.29 10.33 -20.00
N PRO B 300 4.32 9.06 -19.57
CA PRO B 300 5.47 8.20 -19.88
C PRO B 300 5.56 7.70 -21.31
N GLN B 301 4.45 7.61 -22.06
CA GLN B 301 4.51 7.15 -23.43
C GLN B 301 3.65 8.08 -24.31
N GLU B 302 4.02 8.18 -25.58
CA GLU B 302 3.18 8.89 -26.53
C GLU B 302 1.81 8.20 -26.61
N SER B 303 0.75 8.97 -26.34
CA SER B 303 -0.57 8.32 -26.14
C SER B 303 -1.78 9.17 -26.46
N VAL B 304 -2.95 8.53 -26.50
CA VAL B 304 -4.25 9.24 -26.60
C VAL B 304 -5.08 8.65 -25.45
N PHE B 305 -6.03 9.40 -24.91
CA PHE B 305 -6.92 8.94 -23.80
C PHE B 305 -6.10 8.60 -22.56
N ARG B 306 -5.04 9.35 -22.31
CA ARG B 306 -4.19 9.15 -21.11
C ARG B 306 -3.94 10.52 -20.50
N PHE B 307 -4.15 10.66 -19.20
CA PHE B 307 -4.04 11.98 -18.54
C PHE B 307 -3.04 11.93 -17.39
N SER B 308 -2.30 13.01 -17.14
CA SER B 308 -1.19 13.01 -16.19
C SER B 308 -1.61 12.74 -14.76
N PHE B 309 -2.58 13.47 -14.24
CA PHE B 309 -2.88 13.39 -12.81
C PHE B 309 -4.31 12.91 -12.60
N VAL B 310 -4.46 11.63 -12.28
CA VAL B 310 -5.78 11.02 -12.12
C VAL B 310 -5.84 10.44 -10.72
N PRO B 311 -6.99 9.91 -10.25
CA PRO B 311 -7.03 9.32 -8.91
C PRO B 311 -5.98 8.23 -8.73
N VAL B 312 -5.42 8.17 -7.52
CA VAL B 312 -4.37 7.21 -7.20
C VAL B 312 -4.96 6.14 -6.31
N VAL B 313 -4.53 4.89 -6.49
CA VAL B 313 -4.94 3.79 -5.62
C VAL B 313 -3.91 3.66 -4.51
N ASP B 314 -4.25 4.19 -3.33
CA ASP B 314 -3.33 4.29 -2.19
C ASP B 314 -3.88 3.66 -0.91
N GLY B 315 -5.01 2.96 -0.97
CA GLY B 315 -5.56 2.31 0.18
C GLY B 315 -6.53 3.14 0.97
N ASP B 316 -6.57 4.46 0.74
CA ASP B 316 -7.48 5.36 1.43
C ASP B 316 -8.79 5.51 0.69
N PHE B 317 -8.90 6.46 -0.25
CA PHE B 317 -10.16 6.63 -0.99
C PHE B 317 -10.58 5.31 -1.63
N LEU B 318 -9.66 4.65 -2.33
CA LEU B 318 -9.90 3.33 -2.91
C LEU B 318 -9.05 2.33 -2.13
N SER B 319 -9.69 1.40 -1.42
CA SER B 319 -8.95 0.43 -0.61
C SER B 319 -8.23 -0.60 -1.46
N ASP B 320 -8.65 -0.80 -2.70
CA ASP B 320 -7.93 -1.64 -3.65
C ASP B 320 -8.12 -1.01 -5.02
N THR B 321 -7.71 -1.68 -6.09
CA THR B 321 -8.01 -1.14 -7.40
C THR B 321 -9.49 -1.28 -7.67
N PRO B 322 -10.03 -0.43 -8.54
CA PRO B 322 -11.45 -0.59 -8.90
C PRO B 322 -11.80 -1.95 -9.49
N GLU B 323 -10.90 -2.58 -10.23
N GLU B 323 -10.90 -2.58 -10.23
CA GLU B 323 -11.21 -3.90 -10.77
CA GLU B 323 -11.23 -3.90 -10.77
C GLU B 323 -11.40 -4.93 -9.66
C GLU B 323 -11.42 -4.92 -9.64
N ALA B 324 -10.52 -4.90 -8.65
CA ALA B 324 -10.68 -5.78 -7.51
C ALA B 324 -11.95 -5.46 -6.72
N LEU B 325 -12.19 -4.19 -6.42
CA LEU B 325 -13.34 -3.81 -5.59
C LEU B 325 -14.67 -4.14 -6.26
N ILE B 326 -14.76 -3.89 -7.56
CA ILE B 326 -15.93 -4.31 -8.33
C ILE B 326 -16.16 -5.80 -8.17
N ASN B 327 -15.10 -6.61 -8.39
CA ASN B 327 -15.24 -8.06 -8.39
C ASN B 327 -15.63 -8.59 -7.02
N ALA B 328 -15.22 -7.91 -5.98
CA ALA B 328 -15.42 -8.32 -4.59
C ALA B 328 -16.67 -7.72 -3.94
N GLY B 329 -17.44 -6.91 -4.64
CA GLY B 329 -18.44 -6.09 -3.99
C GLY B 329 -19.80 -6.75 -3.86
N ASP B 330 -20.51 -6.35 -2.82
CA ASP B 330 -21.91 -6.71 -2.64
C ASP B 330 -22.73 -5.48 -2.99
N PHE B 331 -23.48 -5.56 -4.07
CA PHE B 331 -24.19 -4.40 -4.59
C PHE B 331 -25.71 -4.56 -4.48
N HIS B 332 -26.18 -5.45 -3.62
CA HIS B 332 -27.62 -5.58 -3.42
C HIS B 332 -28.19 -4.26 -2.92
N GLY B 333 -29.32 -3.87 -3.47
CA GLY B 333 -29.93 -2.62 -3.06
C GLY B 333 -29.54 -1.40 -3.88
N LEU B 334 -28.68 -1.58 -4.89
CA LEU B 334 -28.23 -0.49 -5.75
C LEU B 334 -28.83 -0.62 -7.14
N GLN B 335 -29.29 0.50 -7.68
CA GLN B 335 -29.73 0.56 -9.06
C GLN B 335 -28.76 1.44 -9.84
N VAL B 336 -28.41 1.01 -11.05
CA VAL B 336 -27.37 1.63 -11.86
C VAL B 336 -27.85 1.73 -13.30
N LEU B 337 -27.58 2.85 -13.93
CA LEU B 337 -27.89 3.09 -15.34
C LEU B 337 -26.59 3.46 -16.05
N VAL B 338 -26.19 2.65 -17.03
CA VAL B 338 -24.88 2.81 -17.66
C VAL B 338 -25.03 2.75 -19.17
N GLY B 339 -24.03 3.26 -19.88
CA GLY B 339 -24.17 3.31 -21.32
C GLY B 339 -22.99 3.97 -21.98
N VAL B 340 -23.03 3.98 -23.31
CA VAL B 340 -21.92 4.42 -24.14
C VAL B 340 -22.52 5.02 -25.41
N VAL B 341 -21.75 5.89 -26.08
CA VAL B 341 -22.16 6.36 -27.41
C VAL B 341 -21.72 5.34 -28.44
N LYS B 342 -22.11 5.55 -29.72
CA LYS B 342 -21.92 4.52 -30.74
C LYS B 342 -20.45 4.45 -31.20
N ASP B 343 -19.76 5.59 -31.23
CA ASP B 343 -18.38 5.65 -31.71
C ASP B 343 -17.49 6.26 -30.63
N GLU B 344 -17.28 5.48 -29.56
CA GLU B 344 -16.58 6.03 -28.39
C GLU B 344 -15.17 6.53 -28.73
N GLY B 345 -14.49 5.93 -29.70
CA GLY B 345 -13.07 6.15 -29.77
C GLY B 345 -12.62 7.19 -30.75
N SER B 346 -13.46 7.49 -31.74
CA SER B 346 -13.05 8.31 -32.89
C SER B 346 -12.47 9.66 -32.48
N TYR B 347 -12.99 10.25 -31.41
CA TYR B 347 -12.70 11.63 -31.12
C TYR B 347 -11.32 11.79 -30.51
N PHE B 348 -10.76 10.70 -29.98
CA PHE B 348 -9.42 10.79 -29.43
C PHE B 348 -8.34 10.70 -30.50
N LEU B 349 -8.67 10.16 -31.67
CA LEU B 349 -7.67 9.88 -32.69
C LEU B 349 -7.10 11.18 -33.28
N VAL B 350 -7.91 12.22 -33.42
CA VAL B 350 -7.40 13.45 -33.99
C VAL B 350 -6.48 14.16 -33.01
N TYR B 351 -6.25 13.56 -31.83
CA TYR B 351 -5.36 14.14 -30.83
C TYR B 351 -4.02 13.40 -30.74
N GLY B 352 -3.63 12.66 -31.76
CA GLY B 352 -2.35 11.99 -31.65
C GLY B 352 -2.11 10.81 -32.57
N ALA B 353 -3.16 10.24 -33.13
CA ALA B 353 -2.94 9.07 -33.97
C ALA B 353 -2.44 9.51 -35.34
N PRO B 354 -1.35 8.92 -35.82
CA PRO B 354 -0.82 9.29 -37.14
C PRO B 354 -1.83 9.11 -38.26
N GLY B 355 -1.95 10.12 -39.11
CA GLY B 355 -2.87 10.09 -40.24
C GLY B 355 -4.28 10.61 -39.97
N PHE B 356 -4.54 11.25 -38.83
CA PHE B 356 -5.90 11.61 -38.47
C PHE B 356 -6.04 13.13 -38.45
N SER B 357 -7.18 13.59 -38.96
CA SER B 357 -7.55 14.98 -38.92
C SER B 357 -9.06 15.06 -38.95
N LYS B 358 -9.62 16.07 -38.26
CA LYS B 358 -11.03 16.35 -38.47
C LYS B 358 -11.31 16.85 -39.88
N ASP B 359 -10.27 17.28 -40.60
CA ASP B 359 -10.41 18.03 -41.84
C ASP B 359 -10.28 17.18 -43.10
N ASN B 360 -10.01 15.89 -42.99
CA ASN B 360 -10.10 15.01 -44.16
C ASN B 360 -10.82 13.74 -43.73
N GLU B 361 -10.78 12.73 -44.60
CA GLU B 361 -11.47 11.49 -44.30
C GLU B 361 -10.65 10.56 -43.42
N SER B 362 -9.39 10.92 -43.14
CA SER B 362 -8.55 10.16 -42.24
C SER B 362 -8.46 8.69 -42.64
N LEU B 363 -8.38 8.44 -43.94
CA LEU B 363 -8.24 7.07 -44.45
C LEU B 363 -6.78 6.65 -44.30
N ILE B 364 -6.48 5.89 -43.26
CA ILE B 364 -5.10 5.65 -42.87
C ILE B 364 -4.57 4.42 -43.60
N SER B 365 -3.25 4.30 -43.61
CA SER B 365 -2.54 3.18 -44.17
C SER B 365 -2.40 2.08 -43.11
N ARG B 366 -1.96 0.89 -43.55
CA ARG B 366 -1.72 -0.16 -42.58
C ARG B 366 -0.55 0.20 -41.68
N ALA B 367 0.45 0.88 -42.23
CA ALA B 367 1.56 1.30 -41.39
C ALA B 367 1.11 2.30 -40.34
N GLU B 368 0.17 3.19 -40.70
CA GLU B 368 -0.33 4.14 -39.73
C GLU B 368 -1.22 3.46 -38.71
N PHE B 369 -2.04 2.51 -39.16
CA PHE B 369 -2.85 1.73 -38.24
C PHE B 369 -1.99 1.09 -37.17
N LEU B 370 -0.94 0.36 -37.58
CA LEU B 370 -0.07 -0.27 -36.59
C LEU B 370 0.56 0.76 -35.66
N ALA B 371 1.04 1.87 -36.21
CA ALA B 371 1.56 2.94 -35.35
C ALA B 371 0.49 3.47 -34.41
N GLY B 372 -0.76 3.54 -34.87
CA GLY B 372 -1.82 4.07 -34.03
C GLY B 372 -2.18 3.15 -32.87
N VAL B 373 -2.19 1.84 -33.11
CA VAL B 373 -2.45 0.88 -32.03
C VAL B 373 -1.48 1.08 -30.87
N ARG B 374 -0.21 1.38 -31.15
CA ARG B 374 0.73 1.63 -30.07
C ARG B 374 0.38 2.90 -29.30
N VAL B 375 -0.21 3.89 -29.98
CA VAL B 375 -0.59 5.14 -29.33
C VAL B 375 -1.86 4.95 -28.52
N GLY B 376 -2.87 4.29 -29.10
CA GLY B 376 -4.13 4.05 -28.41
C GLY B 376 -4.08 2.99 -27.33
N VAL B 377 -3.12 2.08 -27.39
CA VAL B 377 -2.96 1.11 -26.32
C VAL B 377 -1.56 1.30 -25.76
N PRO B 378 -1.27 2.41 -25.08
CA PRO B 378 0.09 2.68 -24.65
C PRO B 378 0.50 1.80 -23.49
N GLN B 379 1.82 1.59 -23.40
CA GLN B 379 2.43 0.83 -22.31
C GLN B 379 1.78 -0.56 -22.11
N VAL B 380 1.67 -1.30 -23.21
CA VAL B 380 1.53 -2.76 -23.16
C VAL B 380 2.72 -3.35 -23.91
N SER B 381 2.89 -4.66 -23.76
CA SER B 381 4.01 -5.37 -24.36
C SER B 381 3.88 -5.41 -25.89
N ASP B 382 4.99 -5.76 -26.55
CA ASP B 382 4.90 -6.00 -27.98
C ASP B 382 3.96 -7.16 -28.29
N LEU B 383 3.94 -8.18 -27.42
CA LEU B 383 2.97 -9.27 -27.59
C LEU B 383 1.54 -8.77 -27.49
N ALA B 384 1.24 -8.00 -26.43
CA ALA B 384 -0.12 -7.48 -26.28
C ALA B 384 -0.52 -6.68 -27.51
N ALA B 385 0.39 -5.83 -28.03
CA ALA B 385 0.08 -5.08 -29.23
C ALA B 385 -0.25 -5.99 -30.40
N GLU B 386 0.48 -7.10 -30.55
CA GLU B 386 0.15 -8.07 -31.60
C GLU B 386 -1.26 -8.66 -31.41
N ALA B 387 -1.62 -9.03 -30.17
CA ALA B 387 -2.95 -9.58 -29.95
C ALA B 387 -4.03 -8.59 -30.34
N VAL B 388 -3.79 -7.29 -30.12
CA VAL B 388 -4.75 -6.26 -30.55
C VAL B 388 -4.87 -6.25 -32.06
N VAL B 389 -3.73 -6.25 -32.77
CA VAL B 389 -3.74 -6.20 -34.25
C VAL B 389 -4.43 -7.43 -34.83
N LEU B 390 -4.16 -8.61 -34.25
CA LEU B 390 -4.89 -9.83 -34.59
C LEU B 390 -6.40 -9.63 -34.56
N HIS B 391 -6.93 -9.13 -33.45
N HIS B 391 -6.92 -9.11 -33.46
CA HIS B 391 -8.37 -9.13 -33.25
CA HIS B 391 -8.36 -9.12 -33.23
C HIS B 391 -9.05 -8.09 -34.13
C HIS B 391 -9.08 -8.02 -33.99
N TYR B 392 -8.37 -6.99 -34.46
CA TYR B 392 -9.00 -5.85 -35.08
C TYR B 392 -8.61 -5.67 -36.53
N THR B 393 -7.71 -6.49 -37.04
CA THR B 393 -7.49 -6.58 -38.48
C THR B 393 -8.59 -7.43 -39.08
N ASP B 394 -8.97 -7.11 -40.31
CA ASP B 394 -9.76 -8.03 -41.13
C ASP B 394 -8.81 -8.66 -42.13
N TRP B 395 -8.61 -9.97 -42.01
CA TRP B 395 -7.55 -10.60 -42.78
C TRP B 395 -7.93 -10.91 -44.22
N LEU B 396 -9.19 -10.69 -44.60
CA LEU B 396 -9.55 -10.62 -46.00
C LEU B 396 -9.33 -9.24 -46.61
N HIS B 397 -9.24 -8.20 -45.78
CA HIS B 397 -9.07 -6.82 -46.23
C HIS B 397 -8.11 -6.10 -45.30
N PRO B 398 -6.88 -6.61 -45.16
CA PRO B 398 -6.00 -6.12 -44.10
C PRO B 398 -5.48 -4.72 -44.34
N GLU B 399 -5.66 -4.16 -45.53
CA GLU B 399 -5.11 -2.85 -45.85
C GLU B 399 -6.14 -1.85 -46.34
N ASP B 400 -7.43 -2.14 -46.17
CA ASP B 400 -8.47 -1.22 -46.61
C ASP B 400 -8.55 -0.01 -45.69
N PRO B 401 -8.31 1.21 -46.20
CA PRO B 401 -8.17 2.36 -45.27
C PRO B 401 -9.43 2.70 -44.50
N ALA B 402 -10.62 2.46 -45.06
CA ALA B 402 -11.83 2.68 -44.28
C ALA B 402 -11.92 1.71 -43.12
N ARG B 403 -11.69 0.42 -43.39
CA ARG B 403 -11.73 -0.59 -42.34
C ARG B 403 -10.69 -0.31 -41.26
N LEU B 404 -9.48 0.05 -41.68
CA LEU B 404 -8.43 0.43 -40.72
C LEU B 404 -8.84 1.63 -39.89
N ARG B 405 -9.47 2.66 -40.44
CA ARG B 405 -9.79 3.86 -39.62
C ARG B 405 -10.85 3.51 -38.57
N GLU B 406 -11.80 2.67 -38.92
CA GLU B 406 -12.91 2.31 -38.00
C GLU B 406 -12.45 1.28 -36.98
N ALA B 407 -11.39 0.55 -37.29
CA ALA B 407 -10.85 -0.47 -36.39
C ALA B 407 -10.00 0.23 -35.35
N LEU B 408 -9.18 1.18 -35.78
CA LEU B 408 -8.46 1.95 -34.77
C LEU B 408 -9.43 2.69 -33.86
N SER B 409 -10.51 3.24 -34.43
CA SER B 409 -11.53 3.89 -33.61
C SER B 409 -12.12 2.91 -32.58
N ASP B 410 -12.30 1.66 -32.97
CA ASP B 410 -12.86 0.65 -32.08
C ASP B 410 -11.85 0.15 -31.07
N VAL B 411 -10.58 0.06 -31.43
CA VAL B 411 -9.54 -0.26 -30.45
C VAL B 411 -9.59 0.74 -29.30
N VAL B 412 -9.49 2.03 -29.64
CA VAL B 412 -9.43 3.06 -28.62
C VAL B 412 -10.73 3.10 -27.80
N GLY B 413 -11.88 3.03 -28.46
CA GLY B 413 -13.15 3.06 -27.75
C GLY B 413 -13.40 1.83 -26.88
N ASP B 414 -13.12 0.63 -27.42
CA ASP B 414 -13.35 -0.59 -26.64
C ASP B 414 -12.43 -0.65 -25.44
N HIS B 415 -11.14 -0.34 -25.64
CA HIS B 415 -10.14 -0.47 -24.57
C HIS B 415 -10.41 0.50 -23.44
N ASN B 416 -10.78 1.74 -23.77
CA ASN B 416 -10.91 2.78 -22.78
C ASN B 416 -12.31 2.99 -22.21
N VAL B 417 -13.38 2.64 -22.95
CA VAL B 417 -14.73 2.91 -22.50
C VAL B 417 -15.63 1.69 -22.55
N VAL B 418 -15.91 1.19 -23.77
CA VAL B 418 -16.92 0.14 -23.90
C VAL B 418 -16.55 -1.08 -23.07
N CYS B 419 -15.31 -1.50 -23.10
CA CYS B 419 -15.11 -2.75 -22.37
C CYS B 419 -15.02 -2.53 -20.85
N PRO B 420 -14.41 -1.45 -20.35
CA PRO B 420 -14.53 -1.15 -18.91
C PRO B 420 -15.97 -1.05 -18.42
N VAL B 421 -16.82 -0.32 -19.16
CA VAL B 421 -18.23 -0.17 -18.79
C VAL B 421 -18.94 -1.52 -18.78
N ALA B 422 -18.75 -2.32 -19.84
CA ALA B 422 -19.32 -3.67 -19.89
C ALA B 422 -18.88 -4.54 -18.71
N GLN B 423 -17.60 -4.47 -18.32
CA GLN B 423 -17.17 -5.28 -17.19
C GLN B 423 -17.89 -4.89 -15.90
N LEU B 424 -18.01 -3.58 -15.67
CA LEU B 424 -18.69 -3.07 -14.47
C LEU B 424 -20.16 -3.52 -14.46
N ALA B 425 -20.86 -3.32 -15.57
CA ALA B 425 -22.27 -3.68 -15.64
C ALA B 425 -22.48 -5.15 -15.33
N GLY B 426 -21.73 -6.03 -16.01
CA GLY B 426 -21.86 -7.46 -15.77
C GLY B 426 -21.58 -7.85 -14.32
N ARG B 427 -20.48 -7.36 -13.76
CA ARG B 427 -20.21 -7.68 -12.36
C ARG B 427 -21.31 -7.18 -11.43
N LEU B 428 -21.84 -5.97 -11.63
CA LEU B 428 -22.77 -5.47 -10.62
C LEU B 428 -24.09 -6.22 -10.71
N ALA B 429 -24.53 -6.53 -11.92
CA ALA B 429 -25.73 -7.35 -12.08
C ALA B 429 -25.56 -8.68 -11.36
N ALA B 430 -24.49 -9.40 -11.67
CA ALA B 430 -24.20 -10.69 -11.05
C ALA B 430 -24.14 -10.62 -9.53
N GLN B 431 -23.87 -9.46 -8.96
CA GLN B 431 -23.58 -9.35 -7.54
C GLN B 431 -24.60 -8.51 -6.81
N GLY B 432 -25.83 -8.46 -7.34
CA GLY B 432 -26.95 -7.97 -6.56
C GLY B 432 -27.57 -6.65 -6.99
N ALA B 433 -27.03 -5.97 -8.00
CA ALA B 433 -27.56 -4.67 -8.37
C ALA B 433 -28.51 -4.80 -9.55
N ARG B 434 -29.45 -3.85 -9.65
CA ARG B 434 -30.27 -3.74 -10.84
C ARG B 434 -29.60 -2.75 -11.77
N VAL B 435 -29.38 -3.18 -13.02
CA VAL B 435 -28.58 -2.44 -13.98
C VAL B 435 -29.40 -2.28 -15.24
N TYR B 436 -29.44 -1.06 -15.78
CA TYR B 436 -29.99 -0.83 -17.10
C TYR B 436 -28.90 -0.27 -17.99
N ALA B 437 -28.92 -0.62 -19.27
CA ALA B 437 -27.80 -0.29 -20.12
C ALA B 437 -28.30 0.22 -21.47
N TYR B 438 -27.54 1.13 -22.07
CA TYR B 438 -27.97 1.76 -23.30
C TYR B 438 -26.77 1.95 -24.22
N VAL B 439 -27.05 2.09 -25.51
CA VAL B 439 -26.09 2.64 -26.45
C VAL B 439 -26.77 3.80 -27.14
N PHE B 440 -26.15 4.97 -27.04
CA PHE B 440 -26.69 6.19 -27.61
C PHE B 440 -26.24 6.30 -29.06
N GLU B 441 -27.21 6.37 -29.97
CA GLU B 441 -26.92 6.16 -31.39
C GLU B 441 -27.37 7.30 -32.29
N HIS B 442 -27.67 8.46 -31.72
CA HIS B 442 -28.13 9.59 -32.50
C HIS B 442 -27.00 10.59 -32.67
N ARG B 443 -26.66 10.88 -33.92
CA ARG B 443 -25.69 11.92 -34.22
C ARG B 443 -26.44 13.24 -34.29
N ALA B 444 -26.13 14.16 -33.38
CA ALA B 444 -26.86 15.42 -33.36
C ALA B 444 -26.74 16.14 -34.69
N SER B 445 -27.84 16.78 -35.10
CA SER B 445 -27.86 17.51 -36.38
C SER B 445 -26.92 18.71 -36.35
N THR B 446 -26.68 19.29 -35.18
CA THR B 446 -25.83 20.46 -35.01
C THR B 446 -24.37 20.10 -34.78
N LEU B 447 -24.01 18.83 -34.88
CA LEU B 447 -22.66 18.42 -34.56
C LEU B 447 -21.69 18.98 -35.60
N SER B 448 -20.54 19.49 -35.14
CA SER B 448 -19.61 20.14 -36.04
C SER B 448 -18.37 19.30 -36.37
N TRP B 449 -18.21 18.13 -35.76
CA TRP B 449 -17.12 17.23 -36.08
C TRP B 449 -17.43 16.50 -37.39
N PRO B 450 -16.41 16.00 -38.09
CA PRO B 450 -16.65 15.39 -39.40
C PRO B 450 -17.57 14.18 -39.31
N LEU B 451 -18.07 13.78 -40.47
CA LEU B 451 -19.04 12.70 -40.50
C LEU B 451 -18.43 11.37 -40.09
N TRP B 452 -17.14 11.14 -40.40
CA TRP B 452 -16.53 9.83 -40.15
C TRP B 452 -16.43 9.49 -38.68
N MET B 453 -16.53 10.49 -37.78
CA MET B 453 -16.46 10.20 -36.36
C MET B 453 -17.77 9.65 -35.79
N GLY B 454 -18.83 9.57 -36.59
CA GLY B 454 -20.08 9.02 -36.08
C GLY B 454 -20.65 9.85 -34.95
N VAL B 455 -21.06 9.16 -33.90
CA VAL B 455 -21.53 9.78 -32.66
C VAL B 455 -20.38 9.77 -31.66
N PRO B 456 -19.67 10.88 -31.47
CA PRO B 456 -18.44 10.86 -30.68
C PRO B 456 -18.70 10.96 -29.18
N HIS B 457 -17.61 10.78 -28.44
CA HIS B 457 -17.59 10.87 -26.99
C HIS B 457 -18.14 12.21 -26.51
N GLY B 458 -19.15 12.16 -25.66
CA GLY B 458 -19.63 13.34 -24.99
C GLY B 458 -20.85 13.99 -25.60
N TYR B 459 -21.34 13.48 -26.72
CA TYR B 459 -22.36 14.20 -27.45
C TYR B 459 -23.76 13.65 -27.22
N GLU B 460 -23.92 12.81 -26.22
CA GLU B 460 -25.23 12.56 -25.67
C GLU B 460 -25.58 13.52 -24.54
N ILE B 461 -24.59 14.22 -23.99
CA ILE B 461 -24.83 14.99 -22.77
C ILE B 461 -25.87 16.08 -23.01
N GLU B 462 -25.74 16.82 -24.10
CA GLU B 462 -26.69 17.87 -24.46
C GLU B 462 -28.13 17.36 -24.54
N PHE B 463 -28.32 16.11 -24.95
CA PHE B 463 -29.69 15.58 -25.00
C PHE B 463 -30.22 15.22 -23.60
N ILE B 464 -29.38 14.68 -22.71
CA ILE B 464 -29.83 14.41 -21.33
C ILE B 464 -30.24 15.70 -20.62
N PHE B 465 -29.49 16.79 -20.83
CA PHE B 465 -29.73 18.08 -20.18
C PHE B 465 -30.78 18.95 -20.88
N GLY B 466 -31.32 18.48 -22.01
CA GLY B 466 -32.39 19.18 -22.70
C GLY B 466 -31.99 20.41 -23.48
N ILE B 467 -30.71 20.60 -23.76
CA ILE B 467 -30.24 21.76 -24.54
C ILE B 467 -31.02 21.94 -25.85
N PRO B 468 -31.47 20.89 -26.56
CA PRO B 468 -32.27 21.16 -27.78
C PRO B 468 -33.50 22.01 -27.54
N LEU B 469 -34.01 22.07 -26.31
CA LEU B 469 -35.16 22.91 -25.95
C LEU B 469 -34.80 24.40 -25.83
N ASP B 470 -33.53 24.74 -25.86
CA ASP B 470 -33.10 26.13 -25.91
C ASP B 470 -33.57 26.77 -27.22
N PRO B 471 -34.22 27.94 -27.17
CA PRO B 471 -34.68 28.56 -28.44
C PRO B 471 -33.52 28.96 -29.35
N SER B 472 -32.50 29.59 -28.79
CA SER B 472 -31.31 30.01 -29.53
C SER B 472 -30.57 28.85 -30.18
N ARG B 473 -30.84 27.61 -29.79
CA ARG B 473 -30.20 26.46 -30.40
C ARG B 473 -31.02 25.99 -31.59
N ASN B 474 -30.34 25.66 -32.69
CA ASN B 474 -31.01 25.33 -33.94
C ASN B 474 -31.11 23.81 -34.11
N TYR B 475 -31.87 23.18 -33.22
CA TYR B 475 -32.13 21.74 -33.30
C TYR B 475 -33.46 21.48 -34.02
N THR B 476 -33.58 20.28 -34.58
CA THR B 476 -34.82 19.85 -35.21
C THR B 476 -35.89 19.58 -34.17
N ALA B 477 -37.14 19.48 -34.63
CA ALA B 477 -38.22 19.25 -33.68
C ALA B 477 -38.19 17.82 -33.17
N GLU B 478 -37.68 16.88 -33.98
CA GLU B 478 -37.55 15.49 -33.52
C GLU B 478 -36.50 15.39 -32.42
N GLU B 479 -35.40 16.12 -32.55
CA GLU B 479 -34.39 16.11 -31.51
C GLU B 479 -34.94 16.67 -30.21
N LYS B 480 -35.87 17.63 -30.28
CA LYS B 480 -36.50 18.13 -29.06
C LYS B 480 -37.45 17.08 -28.45
N ILE B 481 -38.13 16.31 -29.30
CA ILE B 481 -38.92 15.20 -28.77
C ILE B 481 -38.00 14.17 -28.12
N PHE B 482 -36.89 13.85 -28.77
CA PHE B 482 -35.93 12.88 -28.26
C PHE B 482 -35.31 13.34 -26.94
N ALA B 483 -34.87 14.60 -26.89
CA ALA B 483 -34.39 15.19 -25.64
C ALA B 483 -35.38 15.00 -24.51
N GLN B 484 -36.68 15.17 -24.80
CA GLN B 484 -37.67 15.04 -23.73
C GLN B 484 -37.86 13.59 -23.31
N ARG B 485 -37.70 12.65 -24.23
CA ARG B 485 -37.72 11.23 -23.87
C ARG B 485 -36.59 10.91 -22.90
N LEU B 486 -35.37 11.36 -23.23
CA LEU B 486 -34.20 11.02 -22.44
C LEU B 486 -34.27 11.63 -21.04
N MET B 487 -34.70 12.90 -20.92
CA MET B 487 -34.87 13.47 -19.58
C MET B 487 -35.87 12.67 -18.75
N ARG B 488 -36.90 12.11 -19.41
CA ARG B 488 -37.89 11.30 -18.71
C ARG B 488 -37.29 9.98 -18.22
N TYR B 489 -36.52 9.29 -19.07
CA TYR B 489 -35.79 8.09 -18.62
C TYR B 489 -34.88 8.40 -17.44
N TRP B 490 -34.07 9.44 -17.55
CA TRP B 490 -33.17 9.81 -16.46
C TRP B 490 -33.93 10.22 -15.20
N ALA B 491 -35.02 10.99 -15.31
CA ALA B 491 -35.70 11.40 -14.09
C ALA B 491 -36.49 10.24 -13.48
N ASN B 492 -37.03 9.36 -14.34
CA ASN B 492 -37.71 8.17 -13.83
C ASN B 492 -36.73 7.28 -13.08
N PHE B 493 -35.52 7.13 -13.61
CA PHE B 493 -34.50 6.37 -12.89
C PHE B 493 -34.17 7.03 -11.57
N ALA B 494 -34.00 8.35 -11.55
CA ALA B 494 -33.64 9.03 -10.32
C ALA B 494 -34.74 8.91 -9.26
N ARG B 495 -36.01 8.94 -9.70
CA ARG B 495 -37.16 8.85 -8.79
C ARG B 495 -37.41 7.43 -8.28
N THR B 496 -37.29 6.42 -9.16
CA THR B 496 -37.76 5.07 -8.89
C THR B 496 -36.71 3.98 -9.05
N GLY B 497 -35.50 4.30 -9.50
CA GLY B 497 -34.53 3.27 -9.79
C GLY B 497 -34.82 2.46 -11.03
N ASP B 498 -35.78 2.88 -11.86
CA ASP B 498 -36.13 2.17 -13.10
C ASP B 498 -36.53 3.23 -14.13
N PRO B 499 -35.89 3.23 -15.30
CA PRO B 499 -36.17 4.27 -16.31
C PRO B 499 -37.53 4.13 -16.98
N ASN B 500 -38.23 3.01 -16.78
CA ASN B 500 -39.57 2.84 -17.34
C ASN B 500 -40.63 3.52 -16.47
N GLU B 501 -41.82 3.68 -17.07
CA GLU B 501 -43.02 4.11 -16.36
C GLU B 501 -44.22 3.30 -16.83
N PRO B 502 -45.10 2.88 -15.92
CA PRO B 502 -46.41 2.29 -16.27
C PRO B 502 -47.42 3.30 -16.83
N PRO B 508 -42.36 0.78 -25.43
CA PRO B 508 -41.61 -0.46 -25.24
C PRO B 508 -40.83 -0.46 -23.95
N GLN B 509 -40.70 -1.61 -23.31
CA GLN B 509 -40.03 -1.63 -22.03
C GLN B 509 -38.51 -1.65 -22.21
N TRP B 510 -37.82 -1.22 -21.16
CA TRP B 510 -36.37 -1.23 -21.14
C TRP B 510 -35.96 -2.32 -20.17
N PRO B 511 -35.45 -3.45 -20.65
CA PRO B 511 -35.16 -4.58 -19.77
C PRO B 511 -33.89 -4.34 -18.99
N PRO B 512 -33.81 -4.86 -17.77
CA PRO B 512 -32.53 -4.88 -17.04
C PRO B 512 -31.43 -5.61 -17.81
N TYR B 513 -30.21 -5.10 -17.63
CA TYR B 513 -29.01 -5.79 -18.09
C TYR B 513 -28.63 -6.87 -17.08
N THR B 514 -28.31 -8.06 -17.60
CA THR B 514 -27.85 -9.18 -16.79
C THR B 514 -26.65 -9.83 -17.49
N ALA B 515 -25.82 -10.51 -16.71
CA ALA B 515 -24.57 -11.06 -17.25
C ALA B 515 -24.84 -12.15 -18.28
N GLY B 516 -25.96 -12.85 -18.18
CA GLY B 516 -26.35 -13.83 -19.16
C GLY B 516 -26.95 -13.25 -20.43
N ALA B 517 -28.10 -12.59 -20.31
CA ALA B 517 -28.76 -12.08 -21.51
C ALA B 517 -28.08 -10.82 -22.04
N GLN B 518 -27.44 -10.03 -21.17
CA GLN B 518 -26.65 -8.90 -21.61
C GLN B 518 -27.49 -7.96 -22.49
N GLN B 519 -28.71 -7.69 -22.03
CA GLN B 519 -29.63 -6.84 -22.78
C GLN B 519 -29.42 -5.34 -22.52
N TYR B 520 -29.46 -4.56 -23.60
CA TYR B 520 -29.41 -3.10 -23.52
C TYR B 520 -30.37 -2.53 -24.56
N VAL B 521 -30.57 -1.20 -24.55
CA VAL B 521 -31.43 -0.53 -25.53
C VAL B 521 -30.62 0.49 -26.33
N SER B 522 -31.12 0.78 -27.54
CA SER B 522 -30.58 1.84 -28.37
C SER B 522 -31.39 3.10 -28.12
N LEU B 523 -30.72 4.23 -27.94
CA LEU B 523 -31.39 5.51 -27.80
C LEU B 523 -31.13 6.30 -29.07
N ASP B 524 -32.19 6.52 -29.86
CA ASP B 524 -32.16 7.46 -30.96
C ASP B 524 -33.61 7.85 -31.30
N LEU B 525 -33.83 8.35 -32.51
CA LEU B 525 -35.15 8.89 -32.83
C LEU B 525 -36.17 7.79 -32.96
N ARG B 526 -35.74 6.59 -33.33
CA ARG B 526 -36.61 5.41 -33.35
C ARG B 526 -37.01 5.07 -31.91
N PRO B 527 -38.11 4.35 -31.72
CA PRO B 527 -38.45 3.86 -30.37
C PRO B 527 -37.44 2.83 -29.88
N LEU B 528 -37.44 2.62 -28.55
CA LEU B 528 -36.51 1.69 -27.90
C LEU B 528 -36.49 0.35 -28.60
N GLU B 529 -35.29 -0.12 -28.91
CA GLU B 529 -35.04 -1.44 -29.49
C GLU B 529 -34.06 -2.17 -28.59
N VAL B 530 -34.42 -3.39 -28.16
CA VAL B 530 -33.56 -4.18 -27.30
C VAL B 530 -32.51 -4.92 -28.15
N ARG B 531 -31.27 -5.01 -27.63
CA ARG B 531 -30.21 -5.78 -28.28
C ARG B 531 -29.47 -6.56 -27.21
N ARG B 532 -28.52 -7.38 -27.65
CA ARG B 532 -27.83 -8.27 -26.74
C ARG B 532 -26.33 -8.08 -26.88
N GLY B 533 -25.64 -7.94 -25.74
CA GLY B 533 -24.20 -7.94 -25.70
C GLY B 533 -23.55 -6.64 -26.09
N LEU B 534 -22.89 -5.98 -25.14
CA LEU B 534 -22.13 -4.75 -25.40
C LEU B 534 -20.77 -5.16 -25.95
N ARG B 535 -20.68 -5.20 -27.28
N ARG B 535 -20.65 -5.18 -27.28
CA ARG B 535 -19.48 -5.63 -28.00
CA ARG B 535 -19.44 -5.62 -27.98
C ARG B 535 -18.84 -6.84 -27.30
C ARG B 535 -18.83 -6.85 -27.29
N ALA B 536 -19.66 -7.89 -27.14
CA ALA B 536 -19.28 -9.02 -26.29
C ALA B 536 -18.01 -9.73 -26.77
N GLN B 537 -17.89 -9.99 -28.07
CA GLN B 537 -16.70 -10.67 -28.54
C GLN B 537 -15.45 -9.84 -28.28
N ALA B 538 -15.49 -8.55 -28.66
CA ALA B 538 -14.37 -7.68 -28.37
C ALA B 538 -14.06 -7.65 -26.89
N CYS B 539 -15.09 -7.58 -26.07
CA CYS B 539 -14.81 -7.34 -24.66
C CYS B 539 -14.31 -8.58 -23.94
N ALA B 540 -14.58 -9.78 -24.46
CA ALA B 540 -13.92 -10.97 -23.93
C ALA B 540 -12.41 -10.83 -24.05
N PHE B 541 -11.94 -10.31 -25.19
CA PHE B 541 -10.51 -10.09 -25.38
C PHE B 541 -9.95 -9.11 -24.33
N TRP B 542 -10.60 -7.95 -24.13
CA TRP B 542 -9.99 -6.95 -23.24
C TRP B 542 -10.17 -7.29 -21.76
N ASN B 543 -11.32 -7.87 -21.38
CA ASN B 543 -11.61 -8.11 -19.96
C ASN B 543 -11.24 -9.52 -19.46
N ARG B 544 -11.14 -10.53 -20.33
CA ARG B 544 -10.71 -11.87 -19.94
C ARG B 544 -9.28 -12.19 -20.38
N PHE B 545 -8.99 -12.12 -21.68
CA PHE B 545 -7.71 -12.64 -22.17
C PHE B 545 -6.55 -11.70 -21.87
N LEU B 546 -6.61 -10.47 -22.36
CA LEU B 546 -5.49 -9.55 -22.24
C LEU B 546 -4.92 -9.41 -20.83
N PRO B 547 -5.72 -9.35 -19.76
CA PRO B 547 -5.11 -9.38 -18.41
C PRO B 547 -4.18 -10.57 -18.19
N LYS B 548 -4.65 -11.78 -18.51
CA LYS B 548 -3.85 -13.00 -18.39
C LYS B 548 -2.54 -12.89 -19.15
N LEU B 549 -2.58 -12.23 -20.29
CA LEU B 549 -1.40 -12.13 -21.12
C LEU B 549 -0.37 -11.25 -20.44
N LEU B 550 -0.82 -10.10 -19.90
CA LEU B 550 0.07 -9.18 -19.20
C LEU B 550 0.65 -9.80 -17.93
N SER B 551 -0.08 -10.74 -17.31
CA SER B 551 0.39 -11.47 -16.14
C SER B 551 1.42 -12.57 -16.46
N ALA B 552 1.85 -12.74 -17.72
CA ALA B 552 2.83 -13.75 -18.08
C ALA B 552 3.66 -13.37 -19.32
C1 NAG C . -11.60 -17.40 13.38
C2 NAG C . -12.68 -18.21 12.66
C3 NAG C . -12.43 -18.24 11.15
C4 NAG C . -12.15 -16.85 10.61
C5 NAG C . -11.04 -16.20 11.43
C6 NAG C . -10.72 -14.78 11.01
C7 NAG C . -13.78 -20.07 13.85
C8 NAG C . -14.95 -19.14 14.03
N2 NAG C . -12.74 -19.57 13.19
O3 NAG C . -13.58 -18.79 10.51
O4 NAG C . -11.77 -16.96 9.25
O5 NAG C . -11.46 -16.14 12.79
O6 NAG C . -11.91 -14.04 10.81
O7 NAG C . -13.80 -21.21 14.28
C1 NAG C . -12.46 -15.99 8.43
C2 NAG C . -11.64 -15.85 7.14
C3 NAG C . -12.33 -14.91 6.16
C4 NAG C . -13.80 -15.26 5.98
C5 NAG C . -14.47 -15.37 7.35
C6 NAG C . -15.93 -15.77 7.29
C7 NAG C . -9.21 -16.13 7.34
C8 NAG C . -7.91 -15.46 7.71
N2 NAG C . -10.31 -15.37 7.45
O3 NAG C . -11.67 -15.00 4.90
O4 NAG C . -14.46 -14.25 5.23
O5 NAG C . -13.79 -16.37 8.12
O6 NAG C . -16.63 -15.34 8.45
O7 NAG C . -9.25 -17.28 6.95
C1 FUC C . -11.73 -12.71 11.34
C2 FUC C . -12.87 -11.87 10.78
C3 FUC C . -14.20 -12.44 11.29
C4 FUC C . -14.21 -12.42 12.83
C5 FUC C . -12.98 -13.18 13.35
C6 FUC C . -12.80 -13.05 14.85
O2 FUC C . -12.87 -11.84 9.36
O3 FUC C . -15.29 -11.63 10.84
O4 FUC C . -14.16 -11.08 13.29
O5 FUC C . -11.76 -12.72 12.75
C1 NAG D . -5.38 13.96 -43.16
C2 NAG D . -4.43 13.37 -44.20
C3 NAG D . -3.10 12.97 -43.56
C4 NAG D . -2.54 14.08 -42.69
C5 NAG D . -3.60 14.57 -41.72
C6 NAG D . -3.18 15.73 -40.86
C7 NAG D . -5.44 12.24 -46.14
C8 NAG D . -5.17 13.50 -46.91
N2 NAG D . -5.06 12.23 -44.86
O3 NAG D . -2.18 12.64 -44.60
O4 NAG D . -1.42 13.57 -41.98
O5 NAG D . -4.75 15.01 -42.46
O6 NAG D . -2.48 16.70 -41.63
O7 NAG D . -5.96 11.26 -46.66
C1 NAG D . -0.30 14.48 -42.07
C2 NAG D . 0.64 14.08 -40.93
C3 NAG D . 1.93 14.92 -40.97
C4 NAG D . 2.53 14.94 -42.37
C5 NAG D . 1.47 15.34 -43.39
C6 NAG D . 1.96 15.33 -44.81
C7 NAG D . -0.40 13.23 -38.88
C8 NAG D . -1.09 13.60 -37.59
N2 NAG D . -0.03 14.26 -39.65
O3 NAG D . 2.86 14.35 -40.05
O4 NAG D . 3.59 15.89 -42.42
O5 NAG D . 0.39 14.40 -43.31
O6 NAG D . 1.18 16.19 -45.62
O7 NAG D . -0.19 12.07 -39.18
C1 FUC D . -2.82 18.02 -41.17
C2 FUC D . -1.79 18.96 -41.77
C3 FUC D . -1.90 18.93 -43.29
C4 FUC D . -3.32 19.31 -43.72
C5 FUC D . -4.33 18.39 -43.01
C6 FUC D . -5.78 18.83 -43.22
O2 FUC D . -0.46 18.66 -41.34
O3 FUC D . -1.00 19.86 -43.88
O4 FUC D . -3.57 20.66 -43.37
O5 FUC D . -4.12 18.36 -41.58
C1 H1R E . 2.77 -7.07 6.58
C3 H1R E . 3.14 -9.33 6.72
C4 H1R E . 3.68 -8.98 7.97
C5 H1R E . 4.30 -9.96 8.75
C6 H1R E . 4.39 -11.30 8.28
C7 H1R E . 3.85 -11.65 7.02
C8 H1R E . 3.23 -10.68 6.24
C10 H1R E . 3.58 -11.65 4.04
C11 H1R E . 5.14 -12.11 9.33
C13 H1R E . 5.53 -11.22 10.49
C14 H1R E . 4.88 -11.79 11.81
C15 H1R E . 5.84 -11.62 13.03
C17 H1R E . 5.98 -10.20 13.36
C18 H1R E . 5.71 -9.87 14.82
C20 H1R E . 6.60 -10.42 16.81
C21 H1R E . 8.04 -10.70 17.32
C22 H1R E . 8.34 -11.86 18.03
C23 H1R E . 9.64 -12.14 18.47
C24 H1R E . 10.65 -11.23 18.19
C25 H1R E . 10.35 -10.08 17.48
C27 H1R E . 9.07 -9.79 17.03
C28 H1R E . 6.03 -12.19 15.48
C29 H1R E . 5.41 -12.51 14.12
C30 H1R E . 4.98 -9.84 10.17
F16 H1R E . 7.12 -12.14 12.59
F26 H1R E . 11.36 -9.21 17.21
N19 H1R E . 6.46 -10.81 15.64
O2 H1R E . 2.53 -8.32 6.00
O9 H1R E . 2.67 -11.03 4.96
O12 H1R E . 5.40 -13.26 9.20
C1 H1R F . -2.35 18.60 -25.04
C3 H1R F . -3.02 16.34 -25.35
C4 H1R F . -4.35 16.77 -25.19
C5 H1R F . -5.36 15.81 -25.19
C6 H1R F . -5.08 14.44 -25.33
C7 H1R F . -3.75 14.02 -25.49
C8 H1R F . -2.73 14.95 -25.50
C10 H1R F . -1.40 13.12 -25.91
C11 H1R F . -6.39 13.66 -25.30
C13 H1R F . -7.50 14.59 -24.91
C14 H1R F . -8.62 14.45 -26.00
C15 H1R F . -10.04 14.76 -25.43
C17 H1R F . -10.13 16.17 -25.07
C18 H1R F . -11.49 16.86 -25.14
C20 H1R F . -13.64 16.50 -25.30
C21 H1R F . -14.67 15.98 -24.26
C22 H1R F . -15.57 14.95 -24.57
C23 H1R F . -16.47 14.48 -23.61
C24 H1R F . -16.50 15.04 -22.35
C25 H1R F . -15.59 16.07 -22.03
C27 H1R F . -14.69 16.54 -22.97
C28 H1R F . -12.37 14.97 -26.31
C29 H1R F . -11.04 14.23 -26.35
C30 H1R F . -6.91 15.99 -25.04
F16 H1R F . -10.21 13.97 -24.24
F26 H1R F . -15.59 16.63 -20.79
N19 H1R F . -12.57 15.91 -25.22
O2 H1R F . -1.96 17.28 -25.35
O9 H1R F . -1.40 14.51 -25.65
O12 H1R F . -6.50 12.52 -25.61
#